data_4B12
#
_entry.id   4B12
#
_cell.length_a   57.470
_cell.length_b   121.920
_cell.length_c   178.250
_cell.angle_alpha   90.00
_cell.angle_beta   90.00
_cell.angle_gamma   90.00
#
_symmetry.space_group_name_H-M   'P 21 21 21'
#
loop_
_entity.id
_entity.type
_entity.pdbx_description
1 polymer 'GLYCYLPEPTIDE N-TETRADECANOYLTRANSFERASE'
2 non-polymer 1-[3-methyl-4-(piperidin-4-yloxy)-1-benzofuran-2-yl]-3-phenylpropan-1-one
3 non-polymer 2-oxopentadecyl-CoA
4 non-polymer 'DIMETHYL SULFOXIDE'
5 non-polymer 'CHLORIDE ION'
6 non-polymer 'MAGNESIUM ION'
7 non-polymer 'SULFATE ION'
8 water water
#
_entity_poly.entity_id   1
_entity_poly.type   'polypeptide(L)'
_entity_poly.pdbx_seq_one_letter_code
;MDYKFWYTQPVPKINDEFNESVNEPFISDNKVEDVRKDEYKLPPGYSWYVCDVKDEKDRSEIYTLLTDNYVEDDDNIFRF
NYSAEFLLWALTSPNYLKTWHIGVKYDASNKLIGFISAIPTDICIHKRTIKMAEVNFLCVHKTLRSKRLAPVLIKEITRR
INLENIWQAIYTAGVYLPKPVSDARYYHRSINVKKLIEIGFSSLNSRLTMSRAIKLYRVEDTLNIKNMRLMKKKDVEGVH
KLLGSYLEQFNLYAVFTKEEIAHWFLPIENVIYTYVNEENGKIKDMISFYSLPSQILGNDKYSTLNAAYSFYNVTTTATF
KQLMQDAILLAKRNNFDVFNALEVMQNKSVFEDLKFGEGDGSLKYYLYNWKCASFAPAHVGIVLL
;
_entity_poly.pdbx_strand_id   A,B,C
#
loop_
_chem_comp.id
_chem_comp.type
_chem_comp.name
_chem_comp.formula
C23 non-polymer 1-[3-methyl-4-(piperidin-4-yloxy)-1-benzofuran-2-yl]-3-phenylpropan-1-one 'C23 H25 N O3'
CL non-polymer 'CHLORIDE ION' 'Cl -1'
DMS non-polymer 'DIMETHYL SULFOXIDE' 'C2 H6 O S'
MG non-polymer 'MAGNESIUM ION' 'Mg 2'
NHW non-polymer 2-oxopentadecyl-CoA 'C36 H64 N7 O17 P3 S'
SO4 non-polymer 'SULFATE ION' 'O4 S -2'
#
# COMPACT_ATOMS: atom_id res chain seq x y z
N MET A 1 -22.77 -33.90 10.13
CA MET A 1 -22.35 -35.11 9.42
C MET A 1 -20.85 -35.46 9.59
N ASP A 2 -20.47 -36.61 9.06
CA ASP A 2 -19.34 -37.34 9.59
C ASP A 2 -17.97 -37.14 8.92
N TYR A 3 -17.96 -36.74 7.65
CA TYR A 3 -16.70 -36.65 6.85
C TYR A 3 -15.78 -37.88 6.99
N LYS A 4 -16.35 -39.03 6.70
CA LYS A 4 -15.63 -40.27 6.94
C LYS A 4 -14.43 -40.39 5.99
N PHE A 5 -14.57 -39.85 4.78
CA PHE A 5 -13.39 -39.73 3.89
C PHE A 5 -12.54 -38.53 4.22
N TRP A 6 -13.14 -37.34 4.35
CA TRP A 6 -12.27 -36.19 4.48
C TRP A 6 -11.41 -36.26 5.70
N TYR A 7 -11.98 -36.78 6.79
CA TYR A 7 -11.20 -36.90 8.03
C TYR A 7 -9.95 -37.80 7.97
N THR A 8 -9.87 -38.66 6.97
CA THR A 8 -8.60 -39.40 6.76
C THR A 8 -7.52 -38.65 6.01
N GLN A 9 -7.82 -37.42 5.58
CA GLN A 9 -6.94 -36.62 4.73
C GLN A 9 -6.26 -35.49 5.53
N PRO A 10 -5.11 -35.00 5.01
CA PRO A 10 -4.38 -33.88 5.68
C PRO A 10 -5.09 -32.53 5.38
N VAL A 11 -6.28 -32.32 6.01
CA VAL A 11 -6.98 -31.04 5.98
C VAL A 11 -7.44 -30.78 7.40
N PRO A 12 -7.86 -29.56 7.67
CA PRO A 12 -8.28 -29.30 9.05
C PRO A 12 -9.57 -30.04 9.42
N LYS A 13 -9.70 -30.38 10.72
CA LYS A 13 -11.03 -30.81 11.28
C LYS A 13 -11.99 -29.63 11.28
N ILE A 14 -13.29 -29.92 11.24
CA ILE A 14 -14.32 -28.86 11.22
C ILE A 14 -14.12 -27.83 12.37
N ASN A 15 -13.61 -28.26 13.53
CA ASN A 15 -13.33 -27.36 14.67
C ASN A 15 -11.97 -26.67 14.73
N ASP A 16 -11.07 -27.07 13.87
CA ASP A 16 -9.73 -26.46 13.84
C ASP A 16 -9.73 -24.94 13.51
N GLU A 17 -8.97 -24.16 14.28
CA GLU A 17 -8.75 -22.77 13.95
C GLU A 17 -7.31 -22.47 14.31
N PHE A 18 -6.60 -21.80 13.40
CA PHE A 18 -5.17 -21.55 13.55
C PHE A 18 -4.82 -20.09 13.70
N ASN A 19 -3.79 -19.80 14.53
CA ASN A 19 -3.26 -18.43 14.58
C ASN A 19 -2.73 -17.92 13.26
N GLU A 20 -2.63 -16.60 13.15
CA GLU A 20 -2.04 -15.95 11.94
C GLU A 20 -0.63 -16.38 11.64
N SER A 21 0.10 -16.74 12.68
CA SER A 21 1.47 -17.09 12.50
C SER A 21 1.67 -18.58 12.04
N VAL A 22 0.61 -19.36 12.03
CA VAL A 22 0.73 -20.74 11.54
C VAL A 22 0.51 -20.71 10.06
N ASN A 23 1.46 -21.28 9.31
CA ASN A 23 1.41 -21.26 7.86
C ASN A 23 2.36 -22.32 7.37
N GLU A 24 1.87 -23.53 7.15
CA GLU A 24 2.77 -24.71 6.99
C GLU A 24 1.89 -25.92 6.61
N PRO A 25 2.54 -26.98 6.10
CA PRO A 25 1.77 -28.18 5.62
C PRO A 25 1.27 -28.92 6.90
N PHE A 26 0.18 -29.68 6.78
CA PHE A 26 -0.12 -30.70 7.81
C PHE A 26 0.95 -31.79 7.85
N ILE A 27 1.53 -32.15 6.72
CA ILE A 27 2.47 -33.31 6.64
C ILE A 27 3.59 -32.86 5.77
N SER A 28 4.74 -32.67 6.44
CA SER A 28 5.98 -32.21 5.87
C SER A 28 6.86 -33.34 5.46
N ASP A 29 7.90 -33.01 4.71
CA ASP A 29 9.06 -33.95 4.49
C ASP A 29 8.58 -35.18 3.70
N ASN A 30 7.63 -34.97 2.78
CA ASN A 30 7.16 -36.02 1.91
C ASN A 30 8.24 -36.45 0.90
N LYS A 31 8.19 -37.70 0.47
CA LYS A 31 9.24 -38.23 -0.43
C LYS A 31 8.61 -38.86 -1.66
N VAL A 32 8.91 -38.32 -2.85
CA VAL A 32 8.35 -38.89 -4.10
C VAL A 32 8.56 -40.41 -4.15
N GLU A 33 9.73 -40.83 -3.67
CA GLU A 33 10.07 -42.28 -3.76
C GLU A 33 9.05 -43.19 -3.04
N ASP A 34 8.26 -42.63 -2.11
CA ASP A 34 7.39 -43.43 -1.23
C ASP A 34 5.97 -43.49 -1.80
N VAL A 35 5.72 -42.68 -2.84
CA VAL A 35 4.35 -42.58 -3.39
C VAL A 35 3.98 -43.91 -4.01
N ARG A 36 2.76 -44.35 -3.74
CA ARG A 36 2.23 -45.52 -4.43
C ARG A 36 2.38 -45.38 -5.94
N LYS A 37 2.86 -46.44 -6.59
CA LYS A 37 3.00 -46.49 -8.06
C LYS A 37 1.83 -47.22 -8.69
N ASP A 38 0.95 -47.76 -7.87
CA ASP A 38 -0.22 -48.51 -8.43
C ASP A 38 -1.43 -47.60 -8.52
N GLU A 39 -2.19 -47.65 -9.61
CA GLU A 39 -3.48 -46.95 -9.65
C GLU A 39 -4.45 -47.50 -8.59
N TYR A 40 -5.28 -46.62 -8.02
CA TYR A 40 -6.30 -46.95 -7.06
C TYR A 40 -7.36 -47.85 -7.76
N LYS A 41 -7.93 -48.78 -6.99
CA LYS A 41 -8.84 -49.73 -7.52
C LYS A 41 -10.20 -49.14 -7.75
N LEU A 42 -10.77 -49.43 -8.88
CA LEU A 42 -12.10 -48.99 -9.24
C LEU A 42 -13.02 -50.17 -9.07
N PRO A 43 -14.33 -49.92 -8.95
CA PRO A 43 -15.13 -51.15 -8.82
C PRO A 43 -15.19 -51.98 -10.11
N PRO A 44 -15.59 -53.27 -9.99
CA PRO A 44 -15.59 -54.15 -11.17
C PRO A 44 -16.30 -53.52 -12.40
N GLY A 45 -15.72 -53.63 -13.59
CA GLY A 45 -16.33 -53.14 -14.85
C GLY A 45 -16.05 -51.73 -15.26
N TYR A 46 -15.13 -51.07 -14.50
CA TYR A 46 -14.73 -49.67 -14.70
C TYR A 46 -13.23 -49.53 -14.77
N SER A 47 -12.76 -48.66 -15.65
CA SER A 47 -11.31 -48.51 -15.87
C SER A 47 -10.85 -47.09 -15.85
N TRP A 48 -9.61 -46.83 -15.44
CA TRP A 48 -9.09 -45.53 -15.68
C TRP A 48 -8.88 -45.20 -17.17
N TYR A 49 -8.96 -43.94 -17.54
CA TYR A 49 -8.68 -43.61 -18.93
C TYR A 49 -7.90 -42.32 -18.96
N VAL A 50 -6.79 -42.23 -19.68
CA VAL A 50 -6.13 -40.91 -19.71
C VAL A 50 -6.69 -40.10 -20.86
N CYS A 51 -7.33 -38.97 -20.54
CA CYS A 51 -8.01 -38.16 -21.59
C CYS A 51 -6.97 -37.31 -22.28
N ASP A 52 -7.04 -37.23 -23.61
CA ASP A 52 -6.21 -36.22 -24.25
C ASP A 52 -7.08 -34.97 -24.63
N VAL A 53 -7.10 -33.95 -23.77
CA VAL A 53 -7.89 -32.74 -24.01
C VAL A 53 -7.56 -32.04 -25.33
N LYS A 54 -6.37 -32.25 -25.87
CA LYS A 54 -6.10 -31.70 -27.20
C LYS A 54 -6.66 -32.48 -28.37
N ASP A 55 -7.31 -33.59 -28.11
CA ASP A 55 -7.84 -34.37 -29.17
C ASP A 55 -9.34 -34.03 -29.22
N GLU A 56 -9.84 -33.55 -30.35
CA GLU A 56 -11.26 -33.10 -30.35
C GLU A 56 -12.20 -34.18 -29.76
N LYS A 57 -12.04 -35.44 -30.16
CA LYS A 57 -13.01 -36.46 -29.77
C LYS A 57 -12.95 -36.79 -28.28
N ASP A 58 -11.74 -36.83 -27.70
CA ASP A 58 -11.66 -37.07 -26.23
C ASP A 58 -12.23 -35.87 -25.53
N ARG A 59 -11.96 -34.66 -26.05
CA ARG A 59 -12.38 -33.45 -25.39
C ARG A 59 -13.92 -33.40 -25.43
N SER A 60 -14.49 -33.87 -26.52
N SER A 60 -14.49 -33.90 -26.51
CA SER A 60 -15.94 -33.91 -26.59
CA SER A 60 -15.96 -33.93 -26.57
C SER A 60 -16.57 -34.84 -25.55
C SER A 60 -16.62 -34.90 -25.61
N GLU A 61 -15.94 -35.97 -25.25
CA GLU A 61 -16.51 -36.89 -24.32
C GLU A 61 -16.53 -36.23 -22.96
N ILE A 62 -15.46 -35.53 -22.59
CA ILE A 62 -15.46 -34.80 -21.35
C ILE A 62 -16.61 -33.75 -21.33
N TYR A 63 -16.76 -33.01 -22.45
CA TYR A 63 -17.77 -31.98 -22.64
C TYR A 63 -19.15 -32.62 -22.37
N THR A 64 -19.35 -33.81 -22.93
CA THR A 64 -20.68 -34.44 -22.80
C THR A 64 -20.93 -34.81 -21.35
N LEU A 65 -19.95 -35.43 -20.72
CA LEU A 65 -20.12 -35.85 -19.34
C LEU A 65 -20.49 -34.63 -18.48
N LEU A 66 -19.72 -33.53 -18.60
CA LEU A 66 -20.01 -32.31 -17.81
C LEU A 66 -21.33 -31.69 -18.21
N THR A 67 -21.63 -31.60 -19.51
CA THR A 67 -22.92 -31.00 -19.96
C THR A 67 -24.12 -31.68 -19.27
N ASP A 68 -24.04 -32.99 -19.16
CA ASP A 68 -25.13 -33.78 -18.55
C ASP A 68 -25.15 -33.98 -17.04
N ASN A 69 -24.00 -33.82 -16.33
CA ASN A 69 -23.81 -34.27 -14.97
C ASN A 69 -23.05 -33.33 -14.09
N TYR A 70 -22.78 -32.12 -14.57
CA TYR A 70 -21.95 -31.26 -13.72
C TYR A 70 -22.85 -30.39 -12.80
N VAL A 71 -22.31 -29.36 -12.20
CA VAL A 71 -22.97 -28.62 -11.07
C VAL A 71 -24.29 -27.98 -11.40
N GLU A 72 -25.26 -28.08 -10.49
CA GLU A 72 -26.57 -27.48 -10.71
C GLU A 72 -26.79 -26.50 -9.57
N ASP A 73 -27.68 -25.52 -9.74
CA ASP A 73 -28.02 -24.64 -8.65
C ASP A 73 -28.94 -25.45 -7.68
N ASP A 74 -29.15 -24.95 -6.46
CA ASP A 74 -30.00 -25.65 -5.46
C ASP A 74 -31.33 -26.11 -5.97
N ASP A 75 -31.90 -25.32 -6.88
CA ASP A 75 -33.24 -25.57 -7.30
C ASP A 75 -33.28 -26.43 -8.54
N ASN A 76 -32.08 -26.87 -9.02
CA ASN A 76 -32.00 -27.69 -10.27
C ASN A 76 -32.76 -27.11 -11.45
N ILE A 77 -32.62 -25.79 -11.62
CA ILE A 77 -33.11 -25.03 -12.76
C ILE A 77 -32.01 -24.85 -13.85
N PHE A 78 -30.78 -24.75 -13.37
CA PHE A 78 -29.67 -24.43 -14.19
C PHE A 78 -28.58 -25.51 -14.03
N ARG A 79 -27.81 -25.77 -15.08
CA ARG A 79 -26.63 -26.65 -14.98
C ARG A 79 -25.48 -26.01 -15.74
N PHE A 80 -24.33 -25.83 -15.08
CA PHE A 80 -23.20 -25.27 -15.80
C PHE A 80 -22.94 -26.03 -17.07
N ASN A 81 -22.57 -25.31 -18.13
CA ASN A 81 -22.33 -25.88 -19.44
C ASN A 81 -21.01 -25.34 -20.01
N TYR A 82 -19.91 -25.62 -19.32
CA TYR A 82 -18.62 -25.13 -19.81
C TYR A 82 -18.41 -25.61 -21.28
N SER A 83 -17.98 -24.75 -22.18
CA SER A 83 -17.82 -25.19 -23.55
C SER A 83 -16.56 -26.05 -23.75
N ALA A 84 -16.52 -26.74 -24.88
CA ALA A 84 -15.37 -27.61 -25.20
C ALA A 84 -14.13 -26.77 -25.30
N GLU A 85 -14.27 -25.62 -26.03
CA GLU A 85 -13.09 -24.85 -26.18
C GLU A 85 -12.63 -24.25 -24.88
N PHE A 86 -13.57 -23.92 -23.97
CA PHE A 86 -13.16 -23.43 -22.63
C PHE A 86 -12.42 -24.58 -21.88
N LEU A 87 -12.93 -25.78 -22.02
CA LEU A 87 -12.18 -26.88 -21.29
C LEU A 87 -10.75 -27.03 -21.86
N LEU A 88 -10.60 -26.89 -23.20
CA LEU A 88 -9.24 -26.91 -23.75
C LEU A 88 -8.32 -25.87 -23.04
N TRP A 89 -8.73 -24.60 -23.07
CA TRP A 89 -8.02 -23.52 -22.36
C TRP A 89 -7.81 -23.75 -20.87
N ALA A 90 -8.89 -24.11 -20.19
CA ALA A 90 -8.71 -24.39 -18.75
C ALA A 90 -7.69 -25.49 -18.40
N LEU A 91 -7.46 -26.47 -19.29
CA LEU A 91 -6.65 -27.64 -18.92
C LEU A 91 -5.26 -27.71 -19.55
N THR A 92 -4.92 -26.76 -20.40
CA THR A 92 -3.68 -26.82 -21.17
C THR A 92 -2.82 -25.60 -20.92
N SER A 93 -2.90 -25.06 -19.72
CA SER A 93 -2.04 -23.96 -19.30
C SER A 93 -0.57 -24.37 -19.17
N PRO A 94 0.32 -23.38 -18.89
CA PRO A 94 1.74 -23.73 -18.91
C PRO A 94 2.13 -24.89 -17.99
N ASN A 95 2.91 -25.83 -18.52
CA ASN A 95 3.34 -27.04 -17.83
CA ASN A 95 3.34 -27.07 -17.78
C ASN A 95 2.25 -28.08 -17.43
N TYR A 96 1.07 -27.97 -18.02
CA TYR A 96 0.04 -28.97 -17.74
C TYR A 96 0.57 -30.35 -18.02
N LEU A 97 0.10 -31.32 -17.23
CA LEU A 97 0.30 -32.72 -17.46
C LEU A 97 -1.01 -33.40 -17.99
N LYS A 98 -0.90 -34.05 -19.11
CA LYS A 98 -1.98 -34.89 -19.66
C LYS A 98 -2.39 -35.96 -18.63
N THR A 99 -1.46 -36.40 -17.78
CA THR A 99 -1.78 -37.52 -16.89
C THR A 99 -2.54 -37.03 -15.64
N TRP A 100 -2.73 -35.71 -15.55
CA TRP A 100 -3.60 -35.16 -14.53
C TRP A 100 -4.99 -34.90 -15.04
N HIS A 101 -5.26 -35.45 -16.21
CA HIS A 101 -6.65 -35.32 -16.78
C HIS A 101 -7.21 -36.70 -16.82
N ILE A 102 -7.95 -37.10 -15.78
CA ILE A 102 -8.22 -38.53 -15.51
C ILE A 102 -9.72 -38.77 -15.68
N GLY A 103 -10.09 -39.69 -16.57
CA GLY A 103 -11.46 -40.11 -16.72
C GLY A 103 -11.64 -41.51 -16.16
N VAL A 104 -12.89 -41.99 -16.05
CA VAL A 104 -13.11 -43.32 -15.70
C VAL A 104 -14.19 -43.79 -16.71
N LYS A 105 -13.98 -44.93 -17.34
CA LYS A 105 -14.98 -45.47 -18.29
C LYS A 105 -15.69 -46.67 -17.76
N TYR A 106 -16.92 -46.89 -18.22
CA TYR A 106 -17.60 -48.12 -17.94
C TYR A 106 -17.18 -49.03 -19.11
N ASP A 107 -16.58 -50.18 -18.78
CA ASP A 107 -15.93 -50.97 -19.80
C ASP A 107 -16.91 -51.39 -20.89
N ALA A 108 -18.06 -51.82 -20.47
CA ALA A 108 -19.00 -52.45 -21.44
C ALA A 108 -19.61 -51.47 -22.47
N SER A 109 -19.80 -50.18 -22.14
CA SER A 109 -20.32 -49.17 -23.12
C SER A 109 -19.17 -48.35 -23.74
N ASN A 110 -18.01 -48.46 -23.13
CA ASN A 110 -16.89 -47.62 -23.47
C ASN A 110 -17.22 -46.15 -23.19
N LYS A 111 -18.09 -45.86 -22.24
CA LYS A 111 -18.58 -44.49 -22.04
C LYS A 111 -17.82 -43.87 -20.85
N LEU A 112 -17.40 -42.60 -20.96
CA LEU A 112 -16.82 -41.84 -19.85
C LEU A 112 -17.92 -41.56 -18.79
N ILE A 113 -17.71 -42.00 -17.56
CA ILE A 113 -18.71 -41.86 -16.51
C ILE A 113 -18.18 -41.06 -15.31
N GLY A 114 -16.88 -40.71 -15.38
CA GLY A 114 -16.27 -39.89 -14.28
C GLY A 114 -15.11 -39.11 -14.77
N PHE A 115 -14.73 -38.01 -14.08
CA PHE A 115 -13.58 -37.23 -14.51
C PHE A 115 -13.07 -36.46 -13.32
N ILE A 116 -11.77 -36.14 -13.30
CA ILE A 116 -11.24 -35.15 -12.34
C ILE A 116 -9.98 -34.55 -13.00
N SER A 117 -9.63 -33.28 -12.71
CA SER A 117 -8.43 -32.72 -13.40
C SER A 117 -7.63 -31.84 -12.43
N ALA A 118 -6.38 -31.61 -12.74
CA ALA A 118 -5.58 -30.63 -12.00
C ALA A 118 -4.64 -30.00 -13.03
N ILE A 119 -4.25 -28.72 -12.79
CA ILE A 119 -3.16 -28.14 -13.49
C ILE A 119 -2.17 -27.60 -12.45
N PRO A 120 -0.91 -27.48 -12.78
CA PRO A 120 0.05 -26.84 -11.81
C PRO A 120 0.02 -25.36 -11.78
N THR A 121 0.21 -24.73 -10.61
CA THR A 121 0.26 -23.26 -10.50
C THR A 121 1.06 -22.93 -9.20
N ASP A 122 1.79 -21.82 -9.18
CA ASP A 122 2.43 -21.42 -7.90
CA ASP A 122 2.43 -21.42 -7.92
C ASP A 122 1.43 -20.56 -7.15
N ILE A 123 1.19 -20.93 -5.90
CA ILE A 123 0.18 -20.29 -5.04
C ILE A 123 0.87 -19.65 -3.84
N CYS A 124 0.68 -18.35 -3.71
CA CYS A 124 1.11 -17.60 -2.55
C CYS A 124 -0.01 -17.53 -1.48
N ILE A 125 0.21 -18.22 -0.36
CA ILE A 125 -0.70 -18.27 0.81
C ILE A 125 0.07 -17.59 1.98
N HIS A 126 -0.52 -16.50 2.53
CA HIS A 126 0.07 -15.73 3.63
CA HIS A 126 0.07 -15.75 3.65
C HIS A 126 1.55 -15.50 3.38
N LYS A 127 1.90 -14.99 2.16
CA LYS A 127 3.32 -14.60 1.81
CA LYS A 127 3.28 -14.59 1.77
C LYS A 127 4.31 -15.74 1.54
N ARG A 128 3.86 -16.98 1.46
CA ARG A 128 4.77 -18.10 1.19
C ARG A 128 4.29 -18.66 -0.13
N THR A 129 5.18 -18.78 -1.09
CA THR A 129 4.75 -19.29 -2.38
C THR A 129 5.06 -20.76 -2.43
N ILE A 130 4.07 -21.56 -2.90
CA ILE A 130 4.17 -23.01 -2.85
C ILE A 130 3.73 -23.56 -4.22
N LYS A 131 4.39 -24.57 -4.76
CA LYS A 131 3.92 -25.17 -6.02
CA LYS A 131 3.88 -25.12 -6.03
C LYS A 131 2.68 -25.97 -5.69
N MET A 132 1.59 -25.82 -6.42
CA MET A 132 0.42 -26.61 -6.05
C MET A 132 -0.24 -27.09 -7.29
N ALA A 133 -1.22 -27.94 -7.09
CA ALA A 133 -2.22 -28.30 -8.13
C ALA A 133 -3.54 -27.59 -7.92
N GLU A 134 -4.13 -27.08 -9.00
CA GLU A 134 -5.44 -26.51 -8.88
C GLU A 134 -6.37 -27.59 -9.42
N VAL A 135 -7.39 -28.01 -8.65
CA VAL A 135 -8.16 -29.16 -9.05
C VAL A 135 -9.52 -28.65 -9.48
N ASN A 136 -10.11 -29.25 -10.50
CA ASN A 136 -11.40 -28.74 -10.97
C ASN A 136 -12.06 -29.79 -11.82
N PHE A 137 -13.33 -29.58 -12.11
CA PHE A 137 -14.16 -30.51 -12.94
C PHE A 137 -14.29 -31.96 -12.45
N LEU A 138 -14.31 -32.17 -11.15
CA LEU A 138 -14.59 -33.45 -10.57
C LEU A 138 -16.10 -33.72 -10.90
N CYS A 139 -16.35 -34.86 -11.46
CA CYS A 139 -17.73 -35.13 -11.87
C CYS A 139 -17.96 -36.64 -11.90
N VAL A 140 -19.04 -37.12 -11.27
CA VAL A 140 -19.48 -38.49 -11.46
C VAL A 140 -20.88 -38.51 -12.11
N HIS A 141 -21.09 -39.41 -13.07
CA HIS A 141 -22.38 -39.49 -13.75
C HIS A 141 -23.54 -39.53 -12.79
N LYS A 142 -24.62 -38.85 -13.14
CA LYS A 142 -25.78 -38.82 -12.22
C LYS A 142 -26.29 -40.25 -11.80
N THR A 143 -26.07 -41.22 -12.67
CA THR A 143 -26.64 -42.55 -12.44
C THR A 143 -25.78 -43.34 -11.44
N LEU A 144 -24.61 -42.78 -11.06
CA LEU A 144 -23.65 -43.49 -10.21
C LEU A 144 -23.27 -42.70 -8.94
N ARG A 145 -24.18 -41.85 -8.50
CA ARG A 145 -23.95 -41.00 -7.37
C ARG A 145 -24.03 -41.81 -6.05
N SER A 146 -23.27 -41.37 -5.06
CA SER A 146 -23.30 -41.85 -3.69
C SER A 146 -22.77 -43.23 -3.54
N LYS A 147 -21.88 -43.64 -4.44
CA LYS A 147 -21.29 -44.96 -4.41
C LYS A 147 -19.82 -44.85 -4.05
N ARG A 148 -19.44 -43.72 -3.50
CA ARG A 148 -18.00 -43.57 -3.02
C ARG A 148 -16.96 -43.59 -4.17
N LEU A 149 -17.40 -43.24 -5.40
CA LEU A 149 -16.45 -43.04 -6.52
C LEU A 149 -15.59 -41.78 -6.37
N ALA A 150 -16.15 -40.73 -5.78
CA ALA A 150 -15.50 -39.44 -5.79
C ALA A 150 -14.19 -39.57 -4.96
N PRO A 151 -14.20 -40.30 -3.80
CA PRO A 151 -12.89 -40.36 -3.11
C PRO A 151 -11.84 -41.16 -3.88
N VAL A 152 -12.29 -42.06 -4.73
CA VAL A 152 -11.33 -42.79 -5.57
C VAL A 152 -10.63 -41.83 -6.56
N LEU A 153 -11.46 -41.00 -7.25
CA LEU A 153 -10.96 -39.93 -8.16
C LEU A 153 -9.98 -39.04 -7.41
N ILE A 154 -10.35 -38.63 -6.21
CA ILE A 154 -9.53 -37.68 -5.42
C ILE A 154 -8.22 -38.32 -5.02
N LYS A 155 -8.31 -39.55 -4.50
CA LYS A 155 -7.11 -40.24 -4.11
C LYS A 155 -6.17 -40.55 -5.29
N GLU A 156 -6.74 -40.95 -6.41
CA GLU A 156 -5.90 -41.13 -7.63
C GLU A 156 -5.18 -39.86 -8.15
N ILE A 157 -5.92 -38.74 -8.21
CA ILE A 157 -5.22 -37.52 -8.66
C ILE A 157 -4.20 -37.08 -7.64
N THR A 158 -4.50 -37.31 -6.37
CA THR A 158 -3.53 -36.93 -5.34
C THR A 158 -2.26 -37.71 -5.55
N ARG A 159 -2.44 -38.99 -5.84
CA ARG A 159 -1.27 -39.87 -6.02
C ARG A 159 -0.46 -39.37 -7.23
N ARG A 160 -1.15 -39.05 -8.32
CA ARG A 160 -0.44 -38.56 -9.56
C ARG A 160 0.24 -37.23 -9.35
N ILE A 161 -0.40 -36.37 -8.57
CA ILE A 161 0.21 -35.11 -8.23
C ILE A 161 1.45 -35.30 -7.35
N ASN A 162 1.36 -36.09 -6.27
CA ASN A 162 2.52 -36.40 -5.49
C ASN A 162 3.75 -36.96 -6.26
N LEU A 163 3.50 -37.77 -7.28
CA LEU A 163 4.57 -38.26 -8.15
C LEU A 163 5.44 -37.17 -8.80
N GLU A 164 4.89 -35.95 -8.89
CA GLU A 164 5.59 -34.82 -9.43
C GLU A 164 6.22 -34.00 -8.35
N ASN A 165 6.28 -34.53 -7.11
CA ASN A 165 6.85 -33.83 -5.94
C ASN A 165 6.03 -32.59 -5.53
N ILE A 166 4.70 -32.65 -5.74
CA ILE A 166 3.77 -31.58 -5.38
C ILE A 166 2.86 -32.14 -4.27
N TRP A 167 2.67 -31.37 -3.18
CA TRP A 167 2.08 -31.93 -1.93
C TRP A 167 0.93 -31.12 -1.40
N GLN A 168 0.59 -30.01 -2.09
CA GLN A 168 -0.50 -29.07 -1.76
C GLN A 168 -1.37 -28.91 -3.01
N ALA A 169 -2.68 -28.64 -2.79
CA ALA A 169 -3.63 -28.31 -3.87
C ALA A 169 -4.56 -27.20 -3.43
N ILE A 170 -5.08 -26.44 -4.38
CA ILE A 170 -6.16 -25.49 -4.06
C ILE A 170 -7.39 -25.90 -4.84
N TYR A 171 -8.54 -25.71 -4.25
CA TYR A 171 -9.80 -26.05 -4.95
C TYR A 171 -10.95 -25.25 -4.35
N THR A 172 -12.11 -25.26 -5.03
CA THR A 172 -13.24 -24.49 -4.56
C THR A 172 -14.43 -25.40 -4.77
N ALA A 173 -15.45 -25.19 -3.93
CA ALA A 173 -16.74 -25.91 -4.08
C ALA A 173 -17.83 -25.03 -3.41
N GLY A 174 -19.07 -25.23 -3.84
CA GLY A 174 -20.24 -24.67 -3.11
C GLY A 174 -20.59 -25.46 -1.88
N VAL A 175 -20.15 -26.69 -1.83
CA VAL A 175 -20.48 -27.57 -0.68
C VAL A 175 -19.51 -27.31 0.47
N TYR A 176 -20.02 -27.45 1.68
CA TYR A 176 -19.13 -27.23 2.85
C TYR A 176 -18.35 -28.51 3.15
N LEU A 177 -17.01 -28.43 3.18
CA LEU A 177 -16.11 -29.55 3.43
C LEU A 177 -15.08 -29.08 4.44
N PRO A 178 -14.39 -30.02 5.11
CA PRO A 178 -13.26 -29.61 6.04
C PRO A 178 -12.08 -29.14 5.23
N LYS A 179 -11.61 -27.88 5.34
CA LYS A 179 -12.36 -26.78 6.00
C LYS A 179 -12.02 -25.49 5.23
N PRO A 180 -12.99 -24.61 4.95
CA PRO A 180 -12.57 -23.55 4.08
C PRO A 180 -11.49 -22.63 4.69
N VAL A 181 -10.62 -22.09 3.85
CA VAL A 181 -9.66 -21.02 4.24
CA VAL A 181 -9.67 -21.03 4.28
C VAL A 181 -10.33 -19.66 4.01
N SER A 182 -11.37 -19.65 3.15
CA SER A 182 -12.19 -18.48 2.95
C SER A 182 -13.56 -18.81 2.32
N ASP A 183 -14.51 -17.89 2.37
CA ASP A 183 -15.89 -18.22 1.91
C ASP A 183 -16.42 -17.00 1.24
N ALA A 184 -16.75 -17.08 -0.06
CA ALA A 184 -17.16 -15.86 -0.77
C ALA A 184 -18.56 -16.04 -1.41
N ARG A 185 -19.51 -15.21 -1.00
CA ARG A 185 -20.81 -15.15 -1.68
C ARG A 185 -20.63 -14.67 -3.13
N TYR A 186 -21.44 -15.23 -4.00
CA TYR A 186 -21.57 -14.66 -5.33
C TYR A 186 -22.70 -13.64 -5.47
N TYR A 187 -22.44 -12.67 -6.35
CA TYR A 187 -23.38 -11.63 -6.68
C TYR A 187 -23.62 -11.58 -8.18
N HIS A 188 -24.78 -11.11 -8.61
CA HIS A 188 -25.13 -11.14 -10.04
C HIS A 188 -25.66 -9.77 -10.44
N ARG A 189 -25.24 -9.30 -11.59
CA ARG A 189 -25.72 -8.00 -12.17
C ARG A 189 -26.51 -8.28 -13.43
N SER A 190 -27.84 -8.10 -13.34
CA SER A 190 -28.70 -8.34 -14.55
C SER A 190 -28.32 -7.50 -15.76
N ILE A 191 -28.15 -8.13 -16.95
CA ILE A 191 -27.93 -7.38 -18.21
C ILE A 191 -29.24 -7.46 -19.04
N ASN A 192 -29.64 -8.66 -19.37
CA ASN A 192 -30.95 -8.92 -20.13
CA ASN A 192 -30.90 -8.92 -20.13
C ASN A 192 -32.01 -9.28 -19.14
N VAL A 193 -32.54 -8.23 -18.50
CA VAL A 193 -33.53 -8.24 -17.46
CA VAL A 193 -33.41 -8.49 -17.37
C VAL A 193 -34.72 -9.13 -17.92
N LYS A 194 -35.24 -8.82 -19.07
CA LYS A 194 -36.50 -9.57 -19.47
C LYS A 194 -36.28 -11.11 -19.56
N LYS A 195 -35.20 -11.49 -20.25
CA LYS A 195 -34.82 -12.89 -20.26
C LYS A 195 -34.67 -13.50 -18.83
N LEU A 196 -33.88 -12.83 -17.96
CA LEU A 196 -33.72 -13.30 -16.61
C LEU A 196 -35.07 -13.47 -15.85
N ILE A 197 -36.05 -12.60 -16.11
N ILE A 197 -36.06 -12.64 -16.13
CA ILE A 197 -37.42 -12.73 -15.55
CA ILE A 197 -37.37 -12.78 -15.48
C ILE A 197 -38.14 -13.96 -16.10
C ILE A 197 -38.24 -13.88 -16.10
N GLU A 198 -38.14 -14.06 -17.41
CA GLU A 198 -38.86 -15.16 -18.14
C GLU A 198 -38.36 -16.59 -17.74
N ILE A 199 -37.09 -16.75 -17.37
CA ILE A 199 -36.60 -18.05 -16.94
C ILE A 199 -36.67 -18.22 -15.42
N GLY A 200 -37.27 -17.26 -14.72
CA GLY A 200 -37.39 -17.36 -13.27
C GLY A 200 -36.21 -16.82 -12.48
N PHE A 201 -35.06 -16.59 -13.12
CA PHE A 201 -33.90 -16.08 -12.36
C PHE A 201 -34.13 -14.82 -11.52
N SER A 202 -34.78 -13.80 -12.09
CA SER A 202 -35.04 -12.47 -11.47
C SER A 202 -36.56 -12.38 -11.28
N SER A 203 -37.04 -11.44 -10.45
CA SER A 203 -38.48 -11.26 -10.36
C SER A 203 -38.98 -9.82 -10.35
N LEU A 204 -40.29 -9.70 -10.64
CA LEU A 204 -41.00 -8.42 -10.63
C LEU A 204 -41.94 -8.39 -9.43
N ASN A 205 -42.50 -7.22 -9.20
CA ASN A 205 -43.54 -7.04 -8.17
C ASN A 205 -44.45 -5.84 -8.53
N SER A 206 -45.34 -5.43 -7.62
CA SER A 206 -46.33 -4.46 -8.03
C SER A 206 -45.67 -3.11 -8.33
N ARG A 207 -44.65 -2.76 -7.52
CA ARG A 207 -43.84 -1.57 -7.77
C ARG A 207 -42.86 -1.75 -8.94
N LEU A 208 -42.20 -2.91 -9.03
CA LEU A 208 -41.29 -3.11 -10.16
C LEU A 208 -41.93 -3.88 -11.26
N THR A 209 -42.56 -3.11 -12.17
CA THR A 209 -43.21 -3.61 -13.39
C THR A 209 -42.10 -3.98 -14.32
N MET A 210 -42.51 -4.71 -15.34
CA MET A 210 -41.53 -5.08 -16.33
C MET A 210 -40.81 -3.86 -16.92
N SER A 211 -41.55 -2.80 -17.38
CA SER A 211 -40.87 -1.73 -18.03
C SER A 211 -39.92 -1.10 -16.97
N ARG A 212 -40.32 -1.12 -15.71
CA ARG A 212 -39.50 -0.38 -14.74
C ARG A 212 -38.25 -1.15 -14.43
N ALA A 213 -38.36 -2.50 -14.43
CA ALA A 213 -37.22 -3.40 -14.31
C ALA A 213 -36.26 -3.16 -15.44
N ILE A 214 -36.75 -3.14 -16.69
CA ILE A 214 -35.82 -2.87 -17.80
C ILE A 214 -35.10 -1.52 -17.58
N LYS A 215 -35.84 -0.51 -17.15
CA LYS A 215 -35.22 0.81 -17.07
C LYS A 215 -34.14 0.78 -15.98
N LEU A 216 -34.42 0.10 -14.85
CA LEU A 216 -33.46 0.07 -13.73
C LEU A 216 -32.06 -0.40 -14.12
N TYR A 217 -32.02 -1.30 -15.09
CA TYR A 217 -30.80 -2.07 -15.42
C TYR A 217 -30.19 -1.57 -16.68
N ARG A 218 -30.74 -0.48 -17.20
CA ARG A 218 -30.28 0.10 -18.48
C ARG A 218 -28.82 0.55 -18.30
N VAL A 219 -27.97 0.27 -19.25
CA VAL A 219 -26.62 0.92 -19.21
C VAL A 219 -26.37 1.85 -20.43
N GLU A 220 -25.50 2.84 -20.26
CA GLU A 220 -25.13 3.75 -21.31
C GLU A 220 -24.02 3.03 -22.05
N ASP A 221 -24.11 3.05 -23.37
CA ASP A 221 -23.13 2.38 -24.22
C ASP A 221 -21.87 3.24 -24.45
N THR A 222 -21.32 3.79 -23.37
CA THR A 222 -20.09 4.61 -23.48
C THR A 222 -19.18 4.27 -22.33
N LEU A 223 -17.92 3.97 -22.65
CA LEU A 223 -16.95 3.47 -21.68
C LEU A 223 -16.50 4.63 -20.84
N ASN A 224 -16.36 4.42 -19.53
CA ASN A 224 -15.71 5.45 -18.67
C ASN A 224 -14.27 5.69 -19.08
N ILE A 225 -13.60 4.61 -19.44
CA ILE A 225 -12.17 4.66 -19.86
C ILE A 225 -12.17 4.43 -21.34
N LYS A 226 -12.09 5.52 -22.11
CA LYS A 226 -12.33 5.49 -23.56
CA LYS A 226 -12.34 5.48 -23.55
C LYS A 226 -11.56 4.48 -24.37
N ASN A 227 -10.29 4.31 -24.02
CA ASN A 227 -9.35 3.54 -24.84
C ASN A 227 -9.30 2.07 -24.42
N MET A 228 -10.21 1.62 -23.51
CA MET A 228 -10.16 0.24 -23.09
CA MET A 228 -10.25 0.23 -23.08
C MET A 228 -10.41 -0.63 -24.35
N ARG A 229 -9.49 -1.56 -24.61
CA ARG A 229 -9.46 -2.34 -25.89
C ARG A 229 -9.11 -3.82 -25.64
N LEU A 230 -9.56 -4.73 -26.54
CA LEU A 230 -9.12 -6.13 -26.40
C LEU A 230 -7.54 -6.13 -26.22
N MET A 231 -7.11 -6.98 -25.29
CA MET A 231 -5.73 -7.31 -25.13
C MET A 231 -5.19 -8.01 -26.36
N LYS A 232 -3.93 -7.65 -26.64
CA LYS A 232 -3.11 -8.18 -27.76
C LYS A 232 -1.80 -8.74 -27.20
N LYS A 233 -1.10 -9.62 -27.97
CA LYS A 233 0.21 -10.18 -27.51
C LYS A 233 1.22 -9.13 -27.07
N LYS A 234 1.19 -7.96 -27.69
CA LYS A 234 2.08 -6.90 -27.27
C LYS A 234 1.90 -6.49 -25.81
N ASP A 235 0.74 -6.84 -25.23
CA ASP A 235 0.31 -6.30 -23.92
C ASP A 235 0.70 -7.24 -22.79
N VAL A 236 1.30 -8.38 -23.12
CA VAL A 236 1.59 -9.39 -22.14
C VAL A 236 2.50 -8.87 -21.01
N GLU A 237 3.66 -8.27 -21.37
CA GLU A 237 4.55 -7.78 -20.30
C GLU A 237 3.83 -6.74 -19.39
N GLY A 238 3.12 -5.75 -19.98
CA GLY A 238 2.34 -4.76 -19.20
C GLY A 238 1.31 -5.34 -18.24
N VAL A 239 0.47 -6.25 -18.75
CA VAL A 239 -0.41 -6.98 -17.94
C VAL A 239 0.28 -7.73 -16.82
N HIS A 240 1.41 -8.41 -17.09
CA HIS A 240 2.17 -9.11 -16.06
C HIS A 240 2.62 -8.18 -14.93
N LYS A 241 3.09 -7.00 -15.30
CA LYS A 241 3.55 -6.07 -14.29
CA LYS A 241 3.54 -6.05 -14.30
C LYS A 241 2.34 -5.52 -13.52
N LEU A 242 1.32 -5.06 -14.26
CA LEU A 242 0.13 -4.45 -13.61
C LEU A 242 -0.54 -5.46 -12.58
N LEU A 243 -0.90 -6.64 -13.11
CA LEU A 243 -1.55 -7.67 -12.30
C LEU A 243 -0.67 -8.20 -11.23
N GLY A 244 0.60 -8.43 -11.57
CA GLY A 244 1.45 -9.13 -10.64
C GLY A 244 1.66 -8.24 -9.44
N SER A 245 1.69 -6.93 -9.68
N SER A 245 1.68 -6.92 -9.69
CA SER A 245 1.93 -6.04 -8.54
CA SER A 245 1.95 -5.95 -8.61
C SER A 245 0.69 -5.98 -7.67
C SER A 245 0.73 -5.72 -7.71
N TYR A 246 -0.46 -5.81 -8.32
CA TYR A 246 -1.73 -5.63 -7.64
C TYR A 246 -1.98 -6.82 -6.70
N LEU A 247 -1.66 -8.03 -7.19
CA LEU A 247 -2.04 -9.24 -6.49
C LEU A 247 -1.22 -9.39 -5.18
N GLU A 248 -0.02 -8.75 -5.08
CA GLU A 248 0.75 -8.98 -3.87
C GLU A 248 0.09 -8.62 -2.53
N GLN A 249 -0.88 -7.72 -2.55
CA GLN A 249 -1.55 -7.35 -1.35
C GLN A 249 -2.43 -8.43 -0.70
N PHE A 250 -2.79 -9.51 -1.44
CA PHE A 250 -3.76 -10.45 -0.92
C PHE A 250 -3.14 -11.58 -0.15
N ASN A 251 -3.99 -12.24 0.66
CA ASN A 251 -3.52 -13.40 1.42
CA ASN A 251 -3.60 -13.39 1.48
C ASN A 251 -3.43 -14.69 0.64
N LEU A 252 -4.02 -14.72 -0.54
CA LEU A 252 -4.11 -15.96 -1.33
C LEU A 252 -4.20 -15.53 -2.79
N TYR A 253 -3.22 -15.97 -3.63
CA TYR A 253 -3.23 -15.55 -5.04
C TYR A 253 -2.27 -16.40 -5.83
N ALA A 254 -2.46 -16.47 -7.15
CA ALA A 254 -1.48 -17.17 -7.97
C ALA A 254 -0.31 -16.22 -8.29
N VAL A 255 0.89 -16.75 -8.25
CA VAL A 255 2.03 -16.06 -8.78
C VAL A 255 2.23 -16.34 -10.27
N PHE A 256 1.83 -15.42 -11.16
CA PHE A 256 1.79 -15.73 -12.60
C PHE A 256 3.15 -15.42 -13.24
N THR A 257 3.65 -16.32 -14.08
CA THR A 257 4.78 -16.01 -14.99
C THR A 257 4.23 -15.28 -16.21
N LYS A 258 5.14 -14.74 -17.05
CA LYS A 258 4.74 -14.13 -18.31
C LYS A 258 3.98 -15.14 -19.16
N GLU A 259 4.44 -16.42 -19.16
CA GLU A 259 3.80 -17.45 -19.97
C GLU A 259 2.39 -17.70 -19.52
N GLU A 260 2.16 -17.68 -18.20
CA GLU A 260 0.82 -17.86 -17.61
C GLU A 260 -0.14 -16.68 -17.92
N ILE A 261 0.41 -15.48 -17.85
CA ILE A 261 -0.30 -14.29 -18.37
C ILE A 261 -0.77 -14.43 -19.78
N ALA A 262 0.11 -14.79 -20.75
CA ALA A 262 -0.40 -14.90 -22.09
C ALA A 262 -1.52 -15.97 -22.16
N HIS A 263 -1.32 -17.09 -21.44
CA HIS A 263 -2.31 -18.15 -21.54
C HIS A 263 -3.62 -17.72 -20.89
N TRP A 264 -3.55 -17.17 -19.69
CA TRP A 264 -4.78 -16.92 -18.95
C TRP A 264 -5.54 -15.70 -19.43
N PHE A 265 -4.84 -14.83 -20.15
CA PHE A 265 -5.46 -13.54 -20.57
C PHE A 265 -5.69 -13.23 -22.02
N LEU A 266 -4.87 -13.76 -22.95
CA LEU A 266 -5.04 -13.35 -24.30
C LEU A 266 -6.46 -13.81 -24.77
N PRO A 267 -7.18 -12.95 -25.44
CA PRO A 267 -8.65 -13.33 -25.55
C PRO A 267 -8.90 -14.50 -26.44
N ILE A 268 -10.00 -15.26 -26.15
CA ILE A 268 -10.51 -16.30 -27.01
C ILE A 268 -12.01 -16.19 -27.05
N GLU A 269 -12.56 -15.97 -28.22
CA GLU A 269 -14.03 -15.80 -28.34
CA GLU A 269 -14.02 -15.80 -28.36
C GLU A 269 -14.73 -16.89 -27.60
N ASN A 270 -15.76 -16.50 -26.86
CA ASN A 270 -16.58 -17.39 -26.09
C ASN A 270 -15.89 -18.14 -24.99
N VAL A 271 -14.70 -17.67 -24.54
CA VAL A 271 -14.01 -18.30 -23.50
C VAL A 271 -13.50 -17.22 -22.54
N ILE A 272 -12.55 -16.45 -23.00
CA ILE A 272 -11.87 -15.38 -22.14
C ILE A 272 -11.84 -14.00 -22.89
N TYR A 273 -12.27 -12.92 -22.18
CA TYR A 273 -12.24 -11.55 -22.68
C TYR A 273 -11.35 -10.70 -21.72
N THR A 274 -10.22 -10.19 -22.24
CA THR A 274 -9.42 -9.29 -21.46
C THR A 274 -9.31 -7.92 -22.29
N TYR A 275 -9.51 -6.81 -21.60
CA TYR A 275 -9.45 -5.48 -22.18
C TYR A 275 -8.39 -4.69 -21.41
N VAL A 276 -7.65 -3.84 -22.11
CA VAL A 276 -6.55 -3.04 -21.45
C VAL A 276 -6.69 -1.56 -21.82
N ASN A 277 -6.11 -0.71 -20.98
CA ASN A 277 -5.93 0.66 -21.31
C ASN A 277 -4.46 0.94 -21.30
N GLU A 278 -3.97 1.27 -22.49
CA GLU A 278 -2.54 1.51 -22.69
C GLU A 278 -2.32 3.01 -22.78
N GLU A 279 -1.36 3.52 -22.02
CA GLU A 279 -1.05 4.94 -22.08
C GLU A 279 0.46 4.98 -22.10
N ASN A 280 1.05 5.66 -23.11
CA ASN A 280 2.50 5.77 -23.19
CA ASN A 280 2.51 5.76 -23.26
C ASN A 280 3.16 4.40 -23.33
N GLY A 281 2.53 3.48 -24.05
CA GLY A 281 3.05 2.13 -24.15
C GLY A 281 3.01 1.35 -22.84
N LYS A 282 2.32 1.87 -21.82
CA LYS A 282 2.18 1.14 -20.52
C LYS A 282 0.78 0.68 -20.24
N ILE A 283 0.62 -0.52 -19.68
CA ILE A 283 -0.78 -0.97 -19.42
C ILE A 283 -1.18 -0.43 -18.03
N LYS A 284 -2.12 0.52 -17.98
CA LYS A 284 -2.51 1.13 -16.70
C LYS A 284 -3.79 0.59 -16.04
N ASP A 285 -4.62 -0.12 -16.80
CA ASP A 285 -5.94 -0.58 -16.27
C ASP A 285 -6.27 -1.85 -17.10
N MET A 286 -6.93 -2.83 -16.46
CA MET A 286 -7.36 -4.03 -17.15
C MET A 286 -8.70 -4.48 -16.63
N ILE A 287 -9.46 -5.08 -17.54
CA ILE A 287 -10.73 -5.73 -17.20
C ILE A 287 -10.63 -7.12 -17.79
N SER A 288 -11.08 -8.12 -17.03
CA SER A 288 -11.27 -9.50 -17.62
C SER A 288 -12.47 -10.28 -17.08
N PHE A 289 -13.01 -11.12 -17.92
CA PHE A 289 -14.11 -11.99 -17.48
C PHE A 289 -14.17 -13.20 -18.41
N TYR A 290 -14.69 -14.36 -17.94
CA TYR A 290 -14.67 -15.59 -18.75
C TYR A 290 -16.15 -15.93 -19.06
N SER A 291 -16.37 -16.67 -20.10
CA SER A 291 -17.74 -17.12 -20.43
C SER A 291 -18.08 -18.48 -19.82
N LEU A 292 -19.23 -18.61 -19.10
CA LEU A 292 -19.61 -19.85 -18.49
C LEU A 292 -21.14 -19.90 -18.61
N PRO A 293 -21.62 -20.43 -19.74
CA PRO A 293 -23.09 -20.52 -19.88
C PRO A 293 -23.66 -21.53 -18.87
N SER A 294 -24.93 -21.36 -18.46
CA SER A 294 -25.62 -22.49 -17.90
C SER A 294 -26.77 -22.91 -18.84
N GLN A 295 -26.94 -24.20 -18.93
CA GLN A 295 -28.06 -24.81 -19.61
C GLN A 295 -29.31 -24.57 -18.73
N ILE A 296 -30.43 -24.22 -19.37
CA ILE A 296 -31.62 -23.95 -18.57
C ILE A 296 -32.47 -25.18 -18.67
N LEU A 297 -32.81 -25.77 -17.54
CA LEU A 297 -33.56 -27.03 -17.58
C LEU A 297 -35.09 -26.77 -17.62
N GLY A 298 -35.79 -27.24 -18.65
CA GLY A 298 -37.27 -27.24 -18.57
C GLY A 298 -37.90 -25.85 -18.68
N ASN A 299 -37.21 -24.90 -19.32
CA ASN A 299 -37.87 -23.65 -19.79
C ASN A 299 -38.24 -23.85 -21.25
N ASP A 300 -39.50 -23.62 -21.65
CA ASP A 300 -39.88 -23.93 -23.02
C ASP A 300 -39.15 -22.99 -24.03
N LYS A 301 -38.89 -21.74 -23.67
CA LYS A 301 -38.45 -20.76 -24.67
C LYS A 301 -36.93 -20.64 -24.78
N TYR A 302 -36.24 -20.73 -23.65
CA TYR A 302 -34.75 -20.52 -23.62
C TYR A 302 -34.02 -21.80 -23.18
N SER A 303 -32.92 -22.16 -23.82
CA SER A 303 -32.15 -23.32 -23.37
C SER A 303 -30.77 -22.92 -22.76
N THR A 304 -30.34 -21.68 -23.00
CA THR A 304 -28.98 -21.27 -22.54
C THR A 304 -29.07 -19.94 -21.86
N LEU A 305 -28.48 -19.86 -20.68
CA LEU A 305 -28.22 -18.52 -20.06
C LEU A 305 -26.73 -18.15 -20.32
N ASN A 306 -26.42 -17.16 -21.17
N ASN A 306 -26.49 -17.00 -20.92
CA ASN A 306 -24.99 -16.80 -21.32
CA ASN A 306 -25.15 -16.57 -21.25
C ASN A 306 -24.69 -15.91 -20.12
C ASN A 306 -24.60 -15.68 -20.15
N ALA A 307 -23.55 -16.15 -19.49
CA ALA A 307 -23.10 -15.48 -18.32
C ALA A 307 -21.62 -15.17 -18.42
N ALA A 308 -21.22 -14.01 -17.90
CA ALA A 308 -19.78 -13.58 -17.86
C ALA A 308 -19.44 -13.58 -16.42
N TYR A 309 -18.25 -14.09 -16.06
CA TYR A 309 -17.82 -14.20 -14.75
C TYR A 309 -16.57 -13.29 -14.59
N SER A 310 -16.68 -12.30 -13.71
CA SER A 310 -15.51 -11.43 -13.36
C SER A 310 -14.32 -12.27 -13.02
N PHE A 311 -13.17 -11.91 -13.62
CA PHE A 311 -11.94 -12.64 -13.49
C PHE A 311 -10.96 -11.69 -12.74
N TYR A 312 -10.06 -10.99 -13.44
CA TYR A 312 -9.17 -10.04 -12.72
C TYR A 312 -9.35 -8.65 -13.25
N ASN A 313 -9.49 -7.66 -12.37
CA ASN A 313 -9.82 -6.25 -12.79
C ASN A 313 -8.90 -5.32 -11.94
N VAL A 314 -8.18 -4.44 -12.61
CA VAL A 314 -7.18 -3.54 -11.87
C VAL A 314 -7.33 -2.15 -12.52
N THR A 315 -7.50 -1.10 -11.71
CA THR A 315 -7.50 0.24 -12.32
C THR A 315 -6.44 1.08 -11.56
N THR A 316 -5.69 1.88 -12.31
CA THR A 316 -4.86 2.96 -11.68
C THR A 316 -5.18 4.36 -12.19
N THR A 317 -6.06 4.47 -13.17
CA THR A 317 -6.47 5.77 -13.73
C THR A 317 -7.94 6.18 -13.46
N ALA A 318 -8.72 5.28 -12.90
CA ALA A 318 -10.16 5.47 -12.68
C ALA A 318 -10.54 4.96 -11.27
N THR A 319 -11.79 5.09 -10.84
CA THR A 319 -12.18 4.45 -9.57
C THR A 319 -12.55 2.98 -9.94
N PHE A 320 -12.55 2.12 -8.91
CA PHE A 320 -12.76 0.74 -9.19
C PHE A 320 -14.23 0.59 -9.63
N LYS A 321 -15.08 1.47 -9.09
CA LYS A 321 -16.47 1.41 -9.53
C LYS A 321 -16.60 1.74 -11.06
N GLN A 322 -15.83 2.72 -11.55
CA GLN A 322 -15.91 3.10 -12.96
C GLN A 322 -15.41 1.92 -13.81
N LEU A 323 -14.37 1.28 -13.31
CA LEU A 323 -13.77 0.13 -14.04
C LEU A 323 -14.79 -1.05 -14.19
N MET A 324 -15.44 -1.41 -13.09
CA MET A 324 -16.41 -2.47 -13.12
C MET A 324 -17.67 -2.15 -13.90
N GLN A 325 -18.11 -0.90 -13.89
CA GLN A 325 -19.14 -0.43 -14.76
C GLN A 325 -18.74 -0.64 -16.21
N ASP A 326 -17.52 -0.23 -16.57
CA ASP A 326 -17.00 -0.65 -17.90
C ASP A 326 -16.99 -2.16 -18.15
N ALA A 327 -16.65 -2.96 -17.12
CA ALA A 327 -16.62 -4.45 -17.31
C ALA A 327 -18.09 -4.88 -17.65
N ILE A 328 -19.07 -4.31 -16.95
CA ILE A 328 -20.49 -4.69 -17.26
C ILE A 328 -20.87 -4.36 -18.69
N LEU A 329 -20.55 -3.13 -19.11
CA LEU A 329 -20.78 -2.65 -20.46
C LEU A 329 -20.08 -3.58 -21.46
N LEU A 330 -18.81 -3.96 -21.25
CA LEU A 330 -18.16 -4.80 -22.25
C LEU A 330 -18.81 -6.19 -22.31
N ALA A 331 -19.26 -6.70 -21.14
CA ALA A 331 -20.01 -7.94 -21.14
C ALA A 331 -21.32 -7.77 -21.91
N LYS A 332 -22.05 -6.66 -21.71
CA LYS A 332 -23.28 -6.44 -22.51
C LYS A 332 -22.96 -6.43 -23.99
N ARG A 333 -21.84 -5.78 -24.31
CA ARG A 333 -21.49 -5.62 -25.72
C ARG A 333 -21.15 -6.95 -26.39
N ASN A 334 -20.83 -7.92 -25.55
CA ASN A 334 -20.55 -9.24 -26.01
C ASN A 334 -21.70 -10.22 -25.87
N ASN A 335 -22.93 -9.72 -25.71
N ASN A 335 -22.89 -9.67 -25.63
CA ASN A 335 -24.16 -10.55 -25.75
CA ASN A 335 -24.15 -10.43 -25.69
C ASN A 335 -24.44 -11.35 -24.46
C ASN A 335 -24.25 -11.46 -24.55
N PHE A 336 -23.66 -11.09 -23.41
CA PHE A 336 -23.99 -11.77 -22.11
C PHE A 336 -25.30 -11.31 -21.48
N ASP A 337 -25.99 -12.23 -20.78
CA ASP A 337 -27.24 -11.96 -20.12
C ASP A 337 -27.05 -11.43 -18.73
N VAL A 338 -25.94 -11.78 -18.10
CA VAL A 338 -25.80 -11.49 -16.66
C VAL A 338 -24.28 -11.40 -16.44
N PHE A 339 -23.88 -10.67 -15.43
CA PHE A 339 -22.43 -10.49 -15.04
C PHE A 339 -22.32 -10.95 -13.59
N ASN A 340 -21.53 -12.01 -13.35
CA ASN A 340 -21.46 -12.67 -12.06
C ASN A 340 -20.09 -12.26 -11.42
N ALA A 341 -20.10 -12.00 -10.14
CA ALA A 341 -18.82 -11.90 -9.45
C ALA A 341 -18.85 -12.43 -8.02
N LEU A 342 -17.67 -12.56 -7.42
CA LEU A 342 -17.57 -13.01 -6.05
C LEU A 342 -17.11 -11.80 -5.23
N GLU A 343 -17.41 -11.84 -3.93
CA GLU A 343 -16.98 -10.80 -3.01
C GLU A 343 -15.53 -10.98 -2.60
N VAL A 344 -14.68 -11.18 -3.62
CA VAL A 344 -13.26 -11.28 -3.38
C VAL A 344 -12.59 -10.02 -3.80
N MET A 345 -11.31 -9.84 -3.42
CA MET A 345 -10.59 -8.61 -3.77
C MET A 345 -11.36 -7.38 -3.40
N GLN A 346 -11.37 -6.35 -4.22
CA GLN A 346 -12.20 -5.18 -3.94
C GLN A 346 -13.65 -5.28 -4.38
N ASN A 347 -14.09 -6.40 -4.90
CA ASN A 347 -15.43 -6.41 -5.55
C ASN A 347 -16.60 -5.94 -4.74
N LYS A 348 -16.65 -6.34 -3.49
CA LYS A 348 -17.87 -6.14 -2.69
C LYS A 348 -18.23 -4.67 -2.65
N SER A 349 -17.19 -3.83 -2.64
CA SER A 349 -17.41 -2.40 -2.49
C SER A 349 -18.23 -1.79 -3.62
N VAL A 350 -18.35 -2.45 -4.79
CA VAL A 350 -19.05 -1.78 -5.89
C VAL A 350 -20.45 -2.42 -6.10
N PHE A 351 -20.75 -3.50 -5.42
CA PHE A 351 -21.98 -4.29 -5.73
C PHE A 351 -23.31 -3.54 -5.56
N GLU A 352 -23.44 -2.78 -4.47
CA GLU A 352 -24.68 -2.01 -4.22
CA GLU A 352 -24.64 -1.99 -4.23
C GLU A 352 -24.87 -0.95 -5.31
N ASP A 353 -23.87 -0.11 -5.49
CA ASP A 353 -23.95 1.01 -6.47
C ASP A 353 -24.13 0.59 -7.90
N LEU A 354 -23.58 -0.60 -8.28
CA LEU A 354 -23.67 -1.09 -9.61
C LEU A 354 -24.92 -2.00 -9.84
N LYS A 355 -25.80 -2.02 -8.85
CA LYS A 355 -27.03 -2.88 -8.93
C LYS A 355 -26.86 -4.39 -9.03
N PHE A 356 -25.89 -4.94 -8.31
CA PHE A 356 -25.73 -6.38 -8.21
C PHE A 356 -26.74 -6.85 -7.19
N GLY A 357 -27.31 -8.02 -7.42
CA GLY A 357 -28.15 -8.70 -6.42
C GLY A 357 -27.38 -9.80 -5.73
N GLU A 358 -27.61 -9.97 -4.43
CA GLU A 358 -26.95 -11.10 -3.69
C GLU A 358 -27.48 -12.46 -4.13
N GLY A 359 -26.59 -13.42 -4.36
CA GLY A 359 -27.05 -14.73 -4.79
C GLY A 359 -27.51 -15.63 -3.63
N ASP A 360 -27.72 -16.91 -3.93
CA ASP A 360 -28.26 -17.89 -2.96
C ASP A 360 -27.28 -18.65 -2.05
N GLY A 361 -26.00 -18.64 -2.34
CA GLY A 361 -25.10 -19.48 -1.53
C GLY A 361 -23.73 -18.85 -1.56
N SER A 362 -22.71 -19.69 -1.43
CA SER A 362 -21.37 -19.10 -1.49
C SER A 362 -20.41 -20.12 -2.04
N LEU A 363 -19.21 -19.64 -2.41
CA LEU A 363 -18.15 -20.49 -2.92
C LEU A 363 -17.07 -20.56 -1.88
N LYS A 364 -16.79 -21.79 -1.41
CA LYS A 364 -15.76 -21.99 -0.39
C LYS A 364 -14.42 -22.24 -1.06
N TYR A 365 -13.35 -21.62 -0.53
CA TYR A 365 -11.97 -21.85 -0.99
C TYR A 365 -11.23 -22.81 -0.02
N TYR A 366 -10.56 -23.80 -0.60
CA TYR A 366 -9.95 -24.82 0.22
C TYR A 366 -8.48 -25.02 -0.16
N LEU A 367 -7.70 -25.39 0.82
CA LEU A 367 -6.33 -25.85 0.50
C LEU A 367 -6.21 -27.28 0.99
N TYR A 368 -5.47 -28.09 0.25
CA TYR A 368 -5.12 -29.47 0.70
C TYR A 368 -3.74 -29.57 1.30
N ASN A 369 -3.64 -30.16 2.47
CA ASN A 369 -2.32 -30.27 3.14
C ASN A 369 -1.66 -28.92 3.47
N TRP A 370 -2.49 -28.00 3.96
CA TRP A 370 -2.03 -26.69 4.31
C TRP A 370 -2.82 -26.18 5.54
N LYS A 371 -2.06 -25.72 6.53
CA LYS A 371 -2.62 -25.27 7.78
C LYS A 371 -2.29 -23.77 7.97
N CYS A 372 -3.32 -22.96 8.19
CA CYS A 372 -3.19 -21.50 8.25
C CYS A 372 -4.47 -20.90 8.79
N ALA A 373 -4.38 -19.65 9.25
CA ALA A 373 -5.56 -18.86 9.62
C ALA A 373 -6.48 -18.66 8.40
N SER A 374 -7.79 -18.72 8.65
CA SER A 374 -8.75 -18.40 7.60
C SER A 374 -8.83 -16.89 7.52
N PHE A 375 -9.53 -16.39 6.52
CA PHE A 375 -9.63 -14.94 6.35
C PHE A 375 -10.89 -14.60 5.62
N ALA A 376 -11.32 -13.35 5.82
CA ALA A 376 -12.42 -12.75 5.04
C ALA A 376 -12.12 -12.75 3.52
N PRO A 377 -13.16 -12.97 2.68
CA PRO A 377 -12.97 -13.02 1.19
C PRO A 377 -12.35 -11.80 0.53
N ALA A 378 -12.40 -10.66 1.18
CA ALA A 378 -11.78 -9.46 0.61
C ALA A 378 -10.26 -9.71 0.51
N HIS A 379 -9.77 -10.67 1.30
CA HIS A 379 -8.32 -11.00 1.32
C HIS A 379 -7.93 -12.09 0.32
N VAL A 380 -8.95 -12.75 -0.33
CA VAL A 380 -8.78 -13.67 -1.44
C VAL A 380 -8.49 -12.85 -2.71
N GLY A 381 -7.38 -13.23 -3.36
CA GLY A 381 -6.94 -12.66 -4.63
C GLY A 381 -6.71 -13.68 -5.71
N ILE A 382 -7.57 -14.71 -5.78
CA ILE A 382 -7.45 -15.59 -6.91
C ILE A 382 -8.88 -15.98 -7.25
N VAL A 383 -9.17 -16.19 -8.54
CA VAL A 383 -10.51 -16.61 -9.05
C VAL A 383 -10.25 -17.90 -9.85
N LEU A 384 -10.82 -19.00 -9.36
CA LEU A 384 -10.77 -20.27 -10.09
C LEU A 384 -11.93 -20.43 -11.03
N LEU A 385 -11.86 -21.40 -11.92
CA LEU A 385 -12.77 -21.39 -13.03
C LEU A 385 -14.00 -22.21 -12.76
N MET B 1 -32.12 16.52 -0.23
CA MET B 1 -31.26 17.31 0.72
C MET B 1 -30.42 18.31 -0.08
N ASP B 2 -30.51 19.60 0.28
CA ASP B 2 -29.80 20.61 -0.47
C ASP B 2 -28.41 20.88 0.13
N TYR B 3 -28.23 20.57 1.40
CA TYR B 3 -26.91 20.86 2.06
C TYR B 3 -26.45 22.28 1.84
N LYS B 4 -27.29 23.25 2.25
CA LYS B 4 -27.01 24.64 1.86
C LYS B 4 -25.84 25.07 2.74
N PHE B 5 -25.67 24.47 3.90
CA PHE B 5 -24.47 24.89 4.69
C PHE B 5 -23.29 24.07 4.21
N TRP B 6 -23.44 22.72 4.19
CA TRP B 6 -22.30 21.83 3.82
C TRP B 6 -21.69 22.18 2.52
N TYR B 7 -22.51 22.59 1.54
CA TYR B 7 -21.91 22.92 0.25
C TYR B 7 -21.03 24.19 0.22
N THR B 8 -21.05 25.00 1.25
CA THR B 8 -20.13 26.21 1.33
C THR B 8 -18.83 25.85 1.91
N GLN B 9 -18.71 24.59 2.34
CA GLN B 9 -17.52 24.06 3.05
C GLN B 9 -16.56 23.23 2.18
N PRO B 10 -15.25 23.17 2.54
CA PRO B 10 -14.33 22.36 1.77
C PRO B 10 -14.45 20.87 2.08
N VAL B 11 -15.48 20.22 1.53
CA VAL B 11 -15.73 18.81 1.68
C VAL B 11 -16.34 18.37 0.32
N PRO B 12 -16.35 17.10 0.04
CA PRO B 12 -16.82 16.60 -1.28
C PRO B 12 -18.28 16.89 -1.48
N LYS B 13 -18.69 17.17 -2.72
CA LYS B 13 -20.09 17.24 -3.04
C LYS B 13 -20.66 15.81 -3.01
N ILE B 14 -21.96 15.69 -2.78
CA ILE B 14 -22.62 14.38 -2.76
C ILE B 14 -22.21 13.49 -3.96
N ASN B 15 -21.87 14.07 -5.11
CA ASN B 15 -21.59 13.19 -6.25
C ASN B 15 -20.09 12.86 -6.49
N ASP B 16 -19.21 13.42 -5.67
CA ASP B 16 -17.81 13.32 -5.93
C ASP B 16 -17.25 11.94 -5.60
N GLU B 17 -16.40 11.40 -6.47
CA GLU B 17 -15.62 10.20 -6.19
CA GLU B 17 -15.59 10.20 -6.12
C GLU B 17 -14.22 10.40 -6.72
N PHE B 18 -13.23 10.05 -5.95
CA PHE B 18 -11.88 10.30 -6.31
C PHE B 18 -11.15 9.00 -6.50
N ASN B 19 -10.20 9.02 -7.44
CA ASN B 19 -9.29 7.92 -7.62
C ASN B 19 -8.34 7.75 -6.41
N GLU B 20 -7.80 6.55 -6.27
CA GLU B 20 -6.96 6.26 -5.16
C GLU B 20 -5.70 7.10 -5.04
N SER B 21 -5.21 7.62 -6.13
CA SER B 21 -4.04 8.46 -6.11
C SER B 21 -4.32 9.90 -5.62
N VAL B 22 -5.59 10.23 -5.39
CA VAL B 22 -5.89 11.63 -5.01
C VAL B 22 -5.85 11.65 -3.48
N ASN B 23 -4.95 12.45 -2.86
CA ASN B 23 -4.94 12.43 -1.39
C ASN B 23 -4.40 13.78 -0.94
N GLU B 24 -5.27 14.77 -0.81
CA GLU B 24 -4.77 16.13 -0.60
C GLU B 24 -5.89 17.06 -0.11
N PRO B 25 -5.54 18.23 0.39
CA PRO B 25 -6.59 19.12 0.82
C PRO B 25 -7.47 19.63 -0.32
N PHE B 26 -8.70 20.04 -0.04
CA PHE B 26 -9.44 20.91 -0.98
C PHE B 26 -8.87 22.27 -1.11
N ILE B 27 -8.34 22.78 0.01
CA ILE B 27 -7.83 24.14 0.05
C ILE B 27 -6.50 24.13 0.73
N SER B 28 -5.49 24.57 0.01
CA SER B 28 -4.07 24.49 0.42
C SER B 28 -3.56 25.86 0.70
N ASP B 29 -2.31 25.97 1.17
CA ASP B 29 -1.71 27.31 1.40
C ASP B 29 -2.52 28.27 2.30
N ASN B 30 -3.18 27.72 3.31
CA ASN B 30 -3.93 28.48 4.34
C ASN B 30 -2.98 29.31 5.26
N LYS B 31 -3.45 30.45 5.79
CA LYS B 31 -2.60 31.37 6.55
C LYS B 31 -3.32 31.70 7.84
N VAL B 32 -2.67 31.41 9.00
CA VAL B 32 -3.20 31.80 10.33
C VAL B 32 -3.54 33.31 10.33
N GLU B 33 -2.69 34.11 9.67
CA GLU B 33 -2.82 35.59 9.76
C GLU B 33 -4.10 36.07 9.10
N ASP B 34 -4.68 35.23 8.25
CA ASP B 34 -5.89 35.59 7.51
C ASP B 34 -7.18 35.12 8.17
N VAL B 35 -7.06 34.23 9.16
CA VAL B 35 -8.22 33.73 9.84
C VAL B 35 -8.98 34.85 10.51
N ARG B 36 -10.32 34.71 10.55
CA ARG B 36 -11.16 35.71 11.21
C ARG B 36 -10.80 35.73 12.67
N LYS B 37 -10.56 36.94 13.17
CA LYS B 37 -10.25 37.13 14.61
C LYS B 37 -11.41 37.43 15.48
N ASP B 38 -12.60 37.51 14.88
CA ASP B 38 -13.84 37.76 15.60
C ASP B 38 -14.63 36.50 15.76
N GLU B 39 -15.29 36.35 16.93
CA GLU B 39 -16.16 35.14 17.10
C GLU B 39 -17.34 35.26 16.18
N TYR B 40 -17.86 34.13 15.72
CA TYR B 40 -19.08 34.19 14.92
C TYR B 40 -20.25 34.80 15.71
N LYS B 41 -21.11 35.55 15.01
CA LYS B 41 -22.30 36.10 15.66
C LYS B 41 -23.35 35.06 15.96
N LEU B 42 -23.99 35.22 17.14
CA LEU B 42 -25.00 34.34 17.64
C LEU B 42 -26.29 35.17 17.64
N PRO B 43 -27.44 34.52 17.56
CA PRO B 43 -28.70 35.29 17.65
C PRO B 43 -28.85 36.04 18.96
N PRO B 44 -29.61 37.14 18.98
CA PRO B 44 -29.92 37.90 20.24
C PRO B 44 -30.19 37.05 21.51
N GLY B 45 -29.47 37.33 22.59
CA GLY B 45 -29.71 36.67 23.86
C GLY B 45 -28.84 35.42 24.10
N TYR B 46 -27.98 35.07 23.15
CA TYR B 46 -27.07 33.91 23.30
C TYR B 46 -25.62 34.41 23.34
N SER B 47 -24.76 33.72 24.05
CA SER B 47 -23.35 34.12 24.22
C SER B 47 -22.48 32.88 24.10
N TRP B 48 -21.29 33.05 23.53
CA TRP B 48 -20.31 32.00 23.69
C TRP B 48 -19.89 31.87 25.13
N TYR B 49 -19.55 30.62 25.53
CA TYR B 49 -19.06 30.32 26.87
C TYR B 49 -17.73 29.51 26.83
N VAL B 50 -16.73 29.98 27.54
CA VAL B 50 -15.45 29.24 27.63
C VAL B 50 -15.71 28.11 28.64
N CYS B 51 -15.98 26.87 28.20
CA CYS B 51 -16.17 25.74 29.15
C CYS B 51 -14.82 25.29 29.66
N ASP B 52 -14.59 25.30 31.00
CA ASP B 52 -13.42 24.68 31.61
C ASP B 52 -13.72 23.24 32.09
N VAL B 53 -13.30 22.27 31.29
CA VAL B 53 -13.75 20.92 31.51
C VAL B 53 -13.22 20.35 32.82
N LYS B 54 -12.12 20.94 33.32
CA LYS B 54 -11.55 20.53 34.58
C LYS B 54 -12.26 21.12 35.78
N ASP B 55 -13.10 22.13 35.52
CA ASP B 55 -13.90 22.78 36.54
C ASP B 55 -15.17 21.95 36.76
N GLU B 56 -15.44 21.55 38.01
CA GLU B 56 -16.57 20.68 38.26
C GLU B 56 -17.89 21.29 37.77
N LYS B 57 -18.10 22.56 38.10
CA LYS B 57 -19.33 23.26 37.75
C LYS B 57 -19.57 23.26 36.19
N ASP B 58 -18.51 23.63 35.48
CA ASP B 58 -18.56 23.68 34.03
C ASP B 58 -18.80 22.31 33.44
N ARG B 59 -18.11 21.31 34.00
CA ARG B 59 -18.28 19.94 33.51
C ARG B 59 -19.70 19.42 33.74
N SER B 60 -20.26 19.77 34.90
CA SER B 60 -21.60 19.38 35.21
C SER B 60 -22.61 19.95 34.27
N GLU B 61 -22.39 21.16 33.77
CA GLU B 61 -23.32 21.80 32.84
C GLU B 61 -23.28 21.13 31.47
N ILE B 62 -22.08 20.72 31.07
CA ILE B 62 -21.91 19.95 29.83
C ILE B 62 -22.60 18.62 29.94
N TYR B 63 -22.33 17.94 31.09
CA TYR B 63 -22.96 16.67 31.40
C TYR B 63 -24.47 16.79 31.28
N THR B 64 -25.04 17.84 31.95
CA THR B 64 -26.50 18.04 31.84
C THR B 64 -27.04 18.22 30.45
N LEU B 65 -26.39 19.12 29.70
CA LEU B 65 -26.75 19.31 28.30
C LEU B 65 -26.80 18.02 27.49
N LEU B 66 -25.71 17.29 27.58
CA LEU B 66 -25.66 16.00 26.84
C LEU B 66 -26.63 14.97 27.34
N THR B 67 -26.75 14.83 28.67
CA THR B 67 -27.61 13.85 29.23
C THR B 67 -28.99 14.07 28.71
N ASP B 68 -29.42 15.34 28.67
CA ASP B 68 -30.82 15.64 28.25
C ASP B 68 -31.06 15.73 26.76
N ASN B 69 -30.00 16.05 25.99
CA ASN B 69 -30.19 16.42 24.59
C ASN B 69 -29.31 15.71 23.57
N TYR B 70 -28.58 14.64 23.97
CA TYR B 70 -27.63 14.10 22.98
C TYR B 70 -28.29 13.02 22.17
N VAL B 71 -27.48 12.30 21.40
CA VAL B 71 -27.98 11.26 20.46
C VAL B 71 -28.97 10.22 20.99
N GLU B 72 -30.06 10.03 20.25
CA GLU B 72 -31.03 9.00 20.60
C GLU B 72 -31.07 7.98 19.48
N ASP B 73 -31.51 6.78 19.78
CA ASP B 73 -31.61 5.74 18.75
C ASP B 73 -32.78 6.19 17.86
N ASP B 74 -32.99 5.54 16.74
CA ASP B 74 -34.19 5.81 15.91
C ASP B 74 -35.58 5.78 16.53
N ASP B 75 -35.85 4.95 17.53
CA ASP B 75 -37.20 4.96 18.12
C ASP B 75 -37.36 5.83 19.33
N ASN B 76 -36.33 6.64 19.61
CA ASN B 76 -36.32 7.41 20.85
C ASN B 76 -36.60 6.59 22.13
N ILE B 77 -36.08 5.36 22.19
CA ILE B 77 -36.08 4.54 23.42
C ILE B 77 -34.88 4.85 24.36
N PHE B 78 -33.75 5.17 23.77
CA PHE B 78 -32.44 5.26 24.49
C PHE B 78 -31.77 6.56 24.20
N ARG B 79 -30.97 7.09 25.14
CA ARG B 79 -30.22 8.27 24.80
C ARG B 79 -28.84 8.16 25.41
N PHE B 80 -27.82 8.37 24.62
CA PHE B 80 -26.47 8.32 25.08
C PHE B 80 -26.28 9.16 26.35
N ASN B 81 -25.53 8.59 27.31
CA ASN B 81 -25.37 9.20 28.63
C ASN B 81 -23.90 9.15 29.08
N TYR B 82 -23.04 9.75 28.31
CA TYR B 82 -21.62 9.87 28.67
C TYR B 82 -21.50 10.46 30.06
N SER B 83 -20.78 9.77 30.97
CA SER B 83 -20.48 10.25 32.34
C SER B 83 -19.55 11.47 32.39
N ALA B 84 -19.67 12.23 33.44
CA ALA B 84 -18.93 13.45 33.57
C ALA B 84 -17.46 13.13 33.57
N GLU B 85 -17.10 12.02 34.21
CA GLU B 85 -15.71 11.55 34.18
C GLU B 85 -15.22 11.12 32.81
N PHE B 86 -16.06 10.50 32.00
CA PHE B 86 -15.75 10.20 30.64
C PHE B 86 -15.45 11.48 29.87
N LEU B 87 -16.28 12.50 30.06
CA LEU B 87 -16.14 13.76 29.34
C LEU B 87 -14.77 14.38 29.72
N LEU B 88 -14.39 14.34 30.98
CA LEU B 88 -13.06 14.89 31.40
C LEU B 88 -11.99 14.11 30.66
N TRP B 89 -12.09 12.77 30.63
CA TRP B 89 -11.11 12.01 29.86
C TRP B 89 -10.99 12.32 28.37
N ALA B 90 -12.14 12.25 27.68
CA ALA B 90 -12.21 12.50 26.27
C ALA B 90 -11.68 13.90 25.84
N LEU B 91 -11.75 14.87 26.75
CA LEU B 91 -11.58 16.23 26.29
C LEU B 91 -10.23 16.72 26.83
N THR B 92 -9.58 15.97 27.72
CA THR B 92 -8.24 16.53 28.22
C THR B 92 -7.01 15.72 27.81
N SER B 93 -7.08 15.10 26.62
CA SER B 93 -5.96 14.35 26.07
C SER B 93 -4.72 15.26 25.77
N PRO B 94 -3.59 14.64 25.47
CA PRO B 94 -2.38 15.48 25.49
C PRO B 94 -2.40 16.70 24.47
N ASN B 95 -1.84 17.83 24.91
CA ASN B 95 -1.84 19.04 24.13
C ASN B 95 -3.23 19.62 23.77
N TYR B 96 -4.26 19.22 24.50
CA TYR B 96 -5.62 19.74 24.25
C TYR B 96 -5.65 21.28 24.36
N LEU B 97 -6.63 21.86 23.70
CA LEU B 97 -6.85 23.36 23.71
C LEU B 97 -8.13 23.66 24.48
N LYS B 98 -8.00 24.47 25.51
CA LYS B 98 -9.18 24.95 26.22
CA LYS B 98 -9.20 24.89 26.19
C LYS B 98 -10.06 25.77 25.24
N THR B 99 -9.45 26.34 24.20
CA THR B 99 -10.24 27.25 23.34
C THR B 99 -11.17 26.32 22.50
N TRP B 100 -10.88 25.01 22.48
CA TRP B 100 -11.68 24.11 21.62
C TRP B 100 -12.83 23.41 22.30
N HIS B 101 -13.18 23.89 23.52
CA HIS B 101 -14.30 23.35 24.26
C HIS B 101 -15.31 24.46 24.41
N ILE B 102 -16.35 24.40 23.61
CA ILE B 102 -17.08 25.64 23.25
C ILE B 102 -18.53 25.54 23.64
N GLY B 103 -19.04 26.39 24.59
CA GLY B 103 -20.45 26.25 24.92
C GLY B 103 -21.22 27.50 24.43
N VAL B 104 -22.55 27.36 24.39
CA VAL B 104 -23.40 28.47 24.11
C VAL B 104 -24.37 28.55 25.28
N LYS B 105 -24.48 29.76 25.85
CA LYS B 105 -25.51 30.02 26.92
C LYS B 105 -26.67 30.92 26.46
N TYR B 106 -27.88 30.59 26.92
CA TYR B 106 -29.02 31.53 26.92
C TYR B 106 -28.82 32.49 28.11
N ASP B 107 -28.58 33.76 27.85
CA ASP B 107 -28.10 34.68 28.90
C ASP B 107 -29.13 34.94 29.98
N ALA B 108 -30.39 34.87 29.63
CA ALA B 108 -31.46 35.25 30.59
C ALA B 108 -31.48 34.25 31.69
N SER B 109 -31.24 32.98 31.32
CA SER B 109 -31.43 31.87 32.22
C SER B 109 -30.12 31.33 32.66
N ASN B 110 -29.04 31.69 31.96
CA ASN B 110 -27.68 31.31 32.30
C ASN B 110 -27.46 29.79 32.15
N LYS B 111 -28.30 29.20 31.32
CA LYS B 111 -28.27 27.78 30.96
C LYS B 111 -27.40 27.48 29.71
N LEU B 112 -26.67 26.38 29.75
CA LEU B 112 -25.92 25.93 28.58
C LEU B 112 -26.92 25.31 27.58
N ILE B 113 -26.98 25.85 26.37
CA ILE B 113 -27.92 25.28 25.33
C ILE B 113 -27.23 24.68 24.06
N GLY B 114 -25.93 24.83 24.00
CA GLY B 114 -25.19 24.23 22.87
C GLY B 114 -23.75 23.97 23.29
N PHE B 115 -23.13 23.03 22.61
CA PHE B 115 -21.74 22.64 22.89
C PHE B 115 -21.17 22.02 21.61
N ILE B 116 -19.86 22.16 21.46
CA ILE B 116 -19.08 21.42 20.45
C ILE B 116 -17.66 21.35 20.98
N SER B 117 -16.88 20.33 20.59
CA SER B 117 -15.54 20.19 21.20
C SER B 117 -14.66 19.61 20.16
N ALA B 118 -13.36 19.77 20.34
CA ALA B 118 -12.40 18.94 19.60
C ALA B 118 -11.11 18.77 20.37
N ILE B 119 -10.28 17.78 19.95
CA ILE B 119 -8.90 17.69 20.52
C ILE B 119 -7.97 17.46 19.30
N PRO B 120 -6.70 17.79 19.43
CA PRO B 120 -5.75 17.57 18.39
C PRO B 120 -5.16 16.15 18.35
N THR B 121 -4.85 15.63 17.17
CA THR B 121 -4.19 14.30 17.07
C THR B 121 -3.64 14.23 15.61
N ASP B 122 -2.59 13.46 15.43
CA ASP B 122 -2.04 13.12 14.12
CA ASP B 122 -2.02 13.10 14.14
C ASP B 122 -2.86 12.03 13.50
N ILE B 123 -3.35 12.32 12.30
CA ILE B 123 -4.19 11.32 11.58
C ILE B 123 -3.41 10.91 10.34
N CYS B 124 -3.27 9.59 10.11
CA CYS B 124 -2.69 9.05 8.89
C CYS B 124 -3.83 8.64 7.94
N ILE B 125 -3.97 9.31 6.79
CA ILE B 125 -5.04 8.97 5.76
C ILE B 125 -4.29 8.62 4.43
N HIS B 126 -4.49 7.38 3.98
CA HIS B 126 -3.83 6.82 2.77
CA HIS B 126 -3.88 6.84 2.75
C HIS B 126 -2.37 7.17 2.85
N LYS B 127 -1.79 6.86 4.00
CA LYS B 127 -0.36 6.97 4.24
C LYS B 127 0.23 8.35 4.36
N ARG B 128 -0.56 9.43 4.37
CA ARG B 128 -0.01 10.75 4.71
C ARG B 128 -0.46 11.13 6.12
N THR B 129 0.49 11.59 6.94
CA THR B 129 0.15 12.00 8.30
C THR B 129 -0.05 13.53 8.39
N ILE B 130 -1.21 13.88 8.91
CA ILE B 130 -1.70 15.25 8.93
C ILE B 130 -2.15 15.55 10.37
N LYS B 131 -1.79 16.72 10.86
CA LYS B 131 -2.35 17.16 12.13
C LYS B 131 -3.80 17.55 11.99
N MET B 132 -4.68 16.95 12.78
CA MET B 132 -6.09 17.18 12.59
C MET B 132 -6.80 17.53 13.91
N ALA B 133 -7.97 18.16 13.86
CA ALA B 133 -8.81 18.22 15.02
C ALA B 133 -9.78 17.04 14.97
N GLU B 134 -10.08 16.38 16.10
CA GLU B 134 -11.08 15.35 16.15
C GLU B 134 -12.27 16.02 16.89
N VAL B 135 -13.40 16.08 16.18
CA VAL B 135 -14.60 16.86 16.64
C VAL B 135 -15.62 15.87 17.20
N ASN B 136 -16.16 16.23 18.36
CA ASN B 136 -17.16 15.41 18.95
C ASN B 136 -18.07 16.26 19.85
N PHE B 137 -19.21 15.67 20.22
CA PHE B 137 -20.11 16.18 21.25
C PHE B 137 -20.92 17.43 20.77
N LEU B 138 -21.07 17.60 19.47
CA LEU B 138 -21.90 18.69 18.97
C LEU B 138 -23.33 18.45 19.50
N CYS B 139 -23.92 19.50 20.09
CA CYS B 139 -25.24 19.30 20.66
C CYS B 139 -25.94 20.64 20.84
N VAL B 140 -27.21 20.65 20.43
CA VAL B 140 -28.07 21.80 20.62
C VAL B 140 -29.30 21.32 21.40
N HIS B 141 -29.73 22.11 22.39
CA HIS B 141 -30.90 21.86 23.19
C HIS B 141 -32.10 21.41 22.29
N LYS B 142 -32.87 20.44 22.76
CA LYS B 142 -34.02 19.96 21.99
C LYS B 142 -35.03 21.08 21.64
N THR B 143 -35.18 22.04 22.54
CA THR B 143 -36.14 23.14 22.31
C THR B 143 -35.64 24.19 21.29
N LEU B 144 -34.43 24.03 20.74
CA LEU B 144 -33.82 25.01 19.84
C LEU B 144 -33.34 24.37 18.55
N ARG B 145 -33.93 23.23 18.19
CA ARG B 145 -33.56 22.47 16.97
C ARG B 145 -34.03 23.15 15.67
N SER B 146 -33.32 22.91 14.56
CA SER B 146 -33.63 23.48 13.28
C SER B 146 -33.68 24.98 13.20
N LYS B 147 -32.82 25.69 13.95
CA LYS B 147 -32.67 27.11 13.92
C LYS B 147 -31.31 27.50 13.34
N ARG B 148 -30.59 26.53 12.73
CA ARG B 148 -29.29 26.84 12.12
C ARG B 148 -28.26 27.31 13.18
N LEU B 149 -28.42 26.87 14.41
CA LEU B 149 -27.33 27.04 15.43
C LEU B 149 -26.10 26.13 15.18
N ALA B 150 -26.35 24.97 14.58
CA ALA B 150 -25.20 24.01 14.43
C ALA B 150 -24.18 24.53 13.41
N PRO B 151 -24.63 25.25 12.32
CA PRO B 151 -23.56 25.76 11.44
C PRO B 151 -22.75 26.84 12.18
N VAL B 152 -23.35 27.51 13.16
CA VAL B 152 -22.57 28.55 13.85
C VAL B 152 -21.50 27.92 14.72
N LEU B 153 -21.88 26.90 15.53
CA LEU B 153 -20.92 26.11 16.33
C LEU B 153 -19.78 25.55 15.52
N ILE B 154 -20.16 25.08 14.34
CA ILE B 154 -19.16 24.46 13.47
C ILE B 154 -18.17 25.52 12.88
N LYS B 155 -18.66 26.68 12.45
CA LYS B 155 -17.77 27.66 11.83
C LYS B 155 -16.89 28.22 12.95
N GLU B 156 -17.42 28.35 14.17
CA GLU B 156 -16.62 28.98 15.25
C GLU B 156 -15.53 27.99 15.71
N ILE B 157 -15.89 26.72 15.78
CA ILE B 157 -14.85 25.74 16.15
C ILE B 157 -13.84 25.66 14.99
N THR B 158 -14.32 25.69 13.76
CA THR B 158 -13.30 25.72 12.62
C THR B 158 -12.33 26.91 12.73
N ARG B 159 -12.87 28.08 13.07
CA ARG B 159 -12.13 29.24 13.21
C ARG B 159 -11.09 29.06 14.32
N ARG B 160 -11.50 28.55 15.50
CA ARG B 160 -10.47 28.45 16.58
C ARG B 160 -9.42 27.35 16.34
N ILE B 161 -9.82 26.33 15.61
CA ILE B 161 -8.83 25.33 15.18
C ILE B 161 -7.84 25.89 14.10
N ASN B 162 -8.33 26.72 13.17
CA ASN B 162 -7.44 27.30 12.13
C ASN B 162 -6.41 28.24 12.82
N LEU B 163 -6.77 28.81 13.96
CA LEU B 163 -5.80 29.72 14.72
C LEU B 163 -4.59 28.96 15.31
N GLU B 164 -4.69 27.60 15.34
CA GLU B 164 -3.62 26.73 15.72
C GLU B 164 -2.86 26.19 14.49
N ASN B 165 -3.14 26.80 13.33
CA ASN B 165 -2.56 26.37 12.09
C ASN B 165 -2.92 24.94 11.67
N ILE B 166 -4.18 24.58 11.91
CA ILE B 166 -4.59 23.20 11.67
C ILE B 166 -5.80 23.36 10.77
N TRP B 167 -5.87 22.54 9.71
CA TRP B 167 -6.77 22.90 8.54
C TRP B 167 -7.64 21.73 8.13
N GLN B 168 -7.48 20.62 8.88
CA GLN B 168 -8.26 19.37 8.59
C GLN B 168 -8.88 18.88 9.87
N ALA B 169 -9.96 18.11 9.77
CA ALA B 169 -10.52 17.52 10.92
C ALA B 169 -11.16 16.15 10.58
N ILE B 170 -11.36 15.33 11.60
CA ILE B 170 -12.08 14.06 11.44
C ILE B 170 -13.23 14.01 12.40
N TYR B 171 -14.35 13.40 12.02
CA TYR B 171 -15.51 13.34 12.87
C TYR B 171 -16.35 12.19 12.32
N THR B 172 -17.27 11.75 13.14
CA THR B 172 -18.19 10.70 12.70
C THR B 172 -19.58 11.14 12.97
N ALA B 173 -20.58 10.62 12.22
CA ALA B 173 -21.96 10.88 12.64
C ALA B 173 -22.81 9.77 12.07
N GLY B 174 -23.98 9.51 12.70
CA GLY B 174 -24.94 8.59 12.08
C GLY B 174 -25.67 9.13 10.90
N VAL B 175 -25.76 10.46 10.79
CA VAL B 175 -26.51 11.09 9.69
C VAL B 175 -25.61 11.15 8.46
N TYR B 176 -26.21 10.99 7.29
CA TYR B 176 -25.49 11.10 6.03
C TYR B 176 -25.27 12.58 5.66
N LEU B 177 -24.01 12.99 5.49
CA LEU B 177 -23.60 14.35 5.20
C LEU B 177 -22.58 14.27 4.07
N PRO B 178 -22.29 15.41 3.36
CA PRO B 178 -21.26 15.30 2.34
C PRO B 178 -19.82 15.30 2.96
N LYS B 179 -18.98 14.27 2.75
CA LYS B 179 -19.38 13.01 2.13
C LYS B 179 -18.49 11.95 2.83
N PRO B 180 -19.05 10.78 3.19
CA PRO B 180 -18.27 9.84 4.03
C PRO B 180 -17.10 9.30 3.28
N VAL B 181 -15.99 9.16 4.01
CA VAL B 181 -14.82 8.46 3.49
CA VAL B 181 -14.82 8.49 3.51
C VAL B 181 -14.98 6.99 3.76
N SER B 182 -15.73 6.66 4.80
CA SER B 182 -16.09 5.20 5.05
C SER B 182 -17.42 5.15 5.83
N ASP B 183 -18.11 4.01 5.84
CA ASP B 183 -19.40 3.86 6.50
C ASP B 183 -19.37 2.47 7.16
N ALA B 184 -19.59 2.42 8.47
CA ALA B 184 -19.43 1.14 9.27
C ALA B 184 -20.66 0.87 10.05
N ARG B 185 -21.32 -0.25 9.77
CA ARG B 185 -22.44 -0.62 10.58
C ARG B 185 -22.03 -1.02 11.99
N TYR B 186 -22.93 -0.85 12.96
CA TYR B 186 -22.61 -1.32 14.31
C TYR B 186 -23.29 -2.67 14.53
N TYR B 187 -22.67 -3.46 15.39
CA TYR B 187 -23.14 -4.79 15.84
C TYR B 187 -23.09 -4.87 17.30
N HIS B 188 -23.93 -5.75 17.84
CA HIS B 188 -24.25 -5.76 19.27
C HIS B 188 -24.15 -7.14 19.75
N ARG B 189 -23.36 -7.35 20.81
CA ARG B 189 -23.35 -8.70 21.38
C ARG B 189 -24.07 -8.77 22.76
N SER B 190 -25.27 -9.33 22.84
CA SER B 190 -25.93 -9.40 24.14
C SER B 190 -25.13 -10.08 25.23
N ILE B 191 -25.20 -9.54 26.42
CA ILE B 191 -24.57 -10.22 27.55
C ILE B 191 -25.66 -10.48 28.64
N ASN B 192 -26.39 -9.43 29.03
CA ASN B 192 -27.49 -9.57 29.95
C ASN B 192 -28.81 -9.62 29.14
N VAL B 193 -29.14 -10.82 28.68
CA VAL B 193 -30.15 -11.07 27.62
C VAL B 193 -31.56 -10.61 28.07
N LYS B 194 -31.92 -11.07 29.25
CA LYS B 194 -33.23 -10.76 29.76
C LYS B 194 -33.50 -9.25 29.87
N LYS B 195 -32.55 -8.52 30.42
CA LYS B 195 -32.72 -7.12 30.48
C LYS B 195 -32.88 -6.52 29.07
N LEU B 196 -32.07 -6.94 28.10
CA LEU B 196 -32.13 -6.38 26.77
C LEU B 196 -33.49 -6.69 26.13
N ILE B 197 -34.06 -7.83 26.49
CA ILE B 197 -35.40 -8.22 25.92
C ILE B 197 -36.49 -7.32 26.55
N GLU B 198 -36.39 -7.16 27.86
CA GLU B 198 -37.35 -6.36 28.62
C GLU B 198 -37.36 -4.88 28.30
N ILE B 199 -36.22 -4.33 27.92
CA ILE B 199 -36.17 -2.92 27.55
C ILE B 199 -36.42 -2.69 26.06
N GLY B 200 -36.64 -3.76 25.31
CA GLY B 200 -36.92 -3.64 23.86
C GLY B 200 -35.72 -3.42 22.92
N PHE B 201 -34.52 -3.66 23.39
CA PHE B 201 -33.34 -3.67 22.53
C PHE B 201 -33.33 -4.99 21.70
N SER B 202 -33.51 -6.17 22.34
CA SER B 202 -33.45 -7.44 21.60
C SER B 202 -34.85 -8.00 21.54
N SER B 203 -35.09 -9.00 20.70
CA SER B 203 -36.38 -9.71 20.81
C SER B 203 -36.32 -11.27 20.82
N LEU B 204 -37.48 -11.89 21.03
CA LEU B 204 -37.63 -13.35 21.05
C LEU B 204 -38.57 -13.82 19.95
N ASN B 205 -38.69 -15.14 19.85
CA ASN B 205 -39.29 -15.86 18.73
C ASN B 205 -39.89 -17.11 19.21
N SER B 206 -40.81 -17.65 18.41
CA SER B 206 -41.38 -18.94 18.70
C SER B 206 -40.22 -19.95 18.92
N ARG B 207 -39.12 -19.82 18.15
CA ARG B 207 -37.92 -20.70 18.22
C ARG B 207 -37.00 -20.28 19.36
N LEU B 208 -36.82 -18.96 19.43
CA LEU B 208 -36.06 -18.37 20.50
C LEU B 208 -36.99 -17.97 21.69
N THR B 209 -37.16 -18.88 22.65
CA THR B 209 -37.89 -18.66 23.88
C THR B 209 -36.90 -17.93 24.82
N MET B 210 -37.41 -17.39 25.91
CA MET B 210 -36.55 -16.68 26.85
C MET B 210 -35.40 -17.58 27.37
N SER B 211 -35.74 -18.77 27.92
CA SER B 211 -34.67 -19.71 28.33
C SER B 211 -33.67 -20.01 27.22
N ARG B 212 -34.15 -20.29 26.02
CA ARG B 212 -33.15 -20.54 24.97
C ARG B 212 -32.28 -19.31 24.59
N ALA B 213 -32.79 -18.07 24.75
CA ALA B 213 -31.97 -16.92 24.44
C ALA B 213 -30.91 -16.75 25.48
N ILE B 214 -31.25 -17.01 26.72
CA ILE B 214 -30.28 -16.94 27.78
C ILE B 214 -29.17 -18.00 27.55
N LYS B 215 -29.57 -19.19 27.16
CA LYS B 215 -28.56 -20.28 26.97
C LYS B 215 -27.68 -19.93 25.76
N LEU B 216 -28.28 -19.31 24.78
CA LEU B 216 -27.56 -18.99 23.52
C LEU B 216 -26.39 -18.02 23.84
N TYR B 217 -26.60 -17.08 24.76
CA TYR B 217 -25.59 -16.04 25.01
C TYR B 217 -24.76 -16.27 26.20
N ARG B 218 -24.94 -17.41 26.87
CA ARG B 218 -24.14 -17.80 28.04
C ARG B 218 -22.65 -17.76 27.67
N VAL B 219 -21.83 -17.27 28.58
CA VAL B 219 -20.37 -17.28 28.33
C VAL B 219 -19.64 -18.04 29.41
N GLU B 220 -18.62 -18.82 29.06
CA GLU B 220 -17.87 -19.53 30.05
C GLU B 220 -16.94 -18.45 30.74
N ASP B 221 -16.86 -18.50 32.07
CA ASP B 221 -16.07 -17.57 32.87
C ASP B 221 -14.57 -17.91 32.93
N THR B 222 -14.00 -18.27 31.82
CA THR B 222 -12.55 -18.55 31.75
C THR B 222 -11.99 -17.88 30.50
N LEU B 223 -10.87 -17.16 30.65
CA LEU B 223 -10.18 -16.51 29.53
C LEU B 223 -9.48 -17.51 28.61
N ASN B 224 -9.54 -17.28 27.30
CA ASN B 224 -8.69 -18.01 26.29
C ASN B 224 -7.21 -17.71 26.53
N ILE B 225 -6.90 -16.47 26.91
CA ILE B 225 -5.53 -15.93 27.16
C ILE B 225 -5.45 -15.63 28.65
N LYS B 226 -4.98 -16.65 29.38
CA LYS B 226 -5.15 -16.74 30.82
C LYS B 226 -4.56 -15.55 31.58
N ASN B 227 -3.46 -14.98 31.09
CA ASN B 227 -2.77 -13.95 31.87
C ASN B 227 -3.22 -12.53 31.43
N MET B 228 -4.29 -12.45 30.66
CA MET B 228 -4.86 -11.13 30.32
CA MET B 228 -4.90 -11.12 30.34
C MET B 228 -5.21 -10.34 31.63
N ARG B 229 -4.60 -9.18 31.79
CA ARG B 229 -4.67 -8.39 33.01
C ARG B 229 -4.78 -6.86 32.73
N LEU B 230 -5.32 -6.12 33.68
CA LEU B 230 -5.44 -4.66 33.50
C LEU B 230 -4.06 -4.10 33.22
N MET B 231 -4.03 -3.14 32.28
CA MET B 231 -2.85 -2.47 31.91
C MET B 231 -2.38 -1.59 33.07
N LYS B 232 -1.08 -1.48 33.22
CA LYS B 232 -0.39 -0.62 34.18
C LYS B 232 0.61 0.28 33.50
N LYS B 233 1.01 1.30 34.22
CA LYS B 233 1.88 2.31 33.63
C LYS B 233 3.13 1.74 32.94
N LYS B 234 3.74 0.71 33.51
CA LYS B 234 5.01 0.12 32.91
C LYS B 234 4.68 -0.49 31.55
N ASP B 235 3.40 -0.74 31.26
CA ASP B 235 3.06 -1.39 30.02
C ASP B 235 2.97 -0.40 28.85
N VAL B 236 3.14 0.91 29.10
CA VAL B 236 2.85 1.95 28.06
C VAL B 236 3.73 1.77 26.84
N GLU B 237 5.04 1.61 27.05
CA GLU B 237 5.91 1.33 25.88
C GLU B 237 5.50 0.09 25.03
N GLY B 238 5.17 -1.01 25.67
CA GLY B 238 4.90 -2.20 24.91
C GLY B 238 3.53 -2.09 24.19
N VAL B 239 2.59 -1.35 24.77
CA VAL B 239 1.26 -1.14 24.13
C VAL B 239 1.49 -0.22 22.90
N HIS B 240 2.41 0.73 23.03
CA HIS B 240 2.67 1.67 21.95
C HIS B 240 3.25 0.98 20.74
N LYS B 241 4.20 0.08 21.05
CA LYS B 241 4.87 -0.64 20.02
C LYS B 241 3.83 -1.59 19.37
N LEU B 242 3.10 -2.29 20.21
CA LEU B 242 2.13 -3.25 19.65
C LEU B 242 1.04 -2.61 18.76
N LEU B 243 0.32 -1.62 19.32
CA LEU B 243 -0.77 -0.97 18.65
C LEU B 243 -0.24 -0.14 17.48
N GLY B 244 0.90 0.55 17.70
CA GLY B 244 1.46 1.36 16.64
C GLY B 244 1.79 0.55 15.38
N SER B 245 2.45 -0.57 15.59
N SER B 245 2.46 -0.60 15.51
CA SER B 245 2.79 -1.52 14.55
CA SER B 245 2.78 -1.41 14.31
C SER B 245 1.54 -1.96 13.78
C SER B 245 1.52 -2.06 13.70
N TYR B 246 0.57 -2.45 14.53
CA TYR B 246 -0.72 -3.01 14.03
C TYR B 246 -1.45 -1.97 13.16
N LEU B 247 -1.47 -0.70 13.61
CA LEU B 247 -2.37 0.27 12.94
C LEU B 247 -1.96 0.68 11.52
N GLU B 248 -0.68 0.48 11.21
CA GLU B 248 -0.07 0.93 9.98
C GLU B 248 -0.69 0.27 8.78
N GLN B 249 -1.29 -0.87 8.96
CA GLN B 249 -1.90 -1.52 7.78
C GLN B 249 -3.15 -0.78 7.25
N PHE B 250 -3.77 0.07 8.06
CA PHE B 250 -5.04 0.66 7.69
C PHE B 250 -4.90 1.94 6.86
N ASN B 251 -5.99 2.24 6.18
CA ASN B 251 -6.06 3.47 5.38
CA ASN B 251 -6.13 3.45 5.36
C ASN B 251 -6.38 4.73 6.19
N LEU B 252 -6.81 4.56 7.42
CA LEU B 252 -7.17 5.70 8.28
C LEU B 252 -6.93 5.37 9.74
N TYR B 253 -5.99 6.06 10.40
CA TYR B 253 -5.73 5.68 11.81
C TYR B 253 -5.08 6.87 12.49
N ALA B 254 -5.12 6.92 13.81
CA ALA B 254 -4.35 7.93 14.59
C ALA B 254 -2.94 7.48 14.79
N VAL B 255 -2.00 8.40 14.83
CA VAL B 255 -0.63 8.00 14.96
C VAL B 255 -0.33 8.34 16.39
N PHE B 256 -0.39 7.40 17.32
CA PHE B 256 -0.39 7.80 18.72
C PHE B 256 1.06 8.02 19.18
N THR B 257 1.28 9.03 20.00
CA THR B 257 2.59 9.18 20.70
C THR B 257 2.51 8.34 22.01
N LYS B 258 3.64 8.13 22.66
CA LYS B 258 3.68 7.53 23.98
C LYS B 258 2.74 8.19 24.99
N GLU B 259 2.75 9.53 25.05
CA GLU B 259 1.87 10.20 26.03
CA GLU B 259 1.91 10.27 25.96
C GLU B 259 0.41 9.97 25.64
N GLU B 260 0.11 9.96 24.37
CA GLU B 260 -1.29 9.58 23.96
C GLU B 260 -1.65 8.15 24.31
N ILE B 261 -0.73 7.19 24.17
CA ILE B 261 -1.04 5.83 24.64
C ILE B 261 -1.43 5.82 26.11
N ALA B 262 -0.61 6.46 26.93
CA ALA B 262 -0.84 6.48 28.34
C ALA B 262 -2.24 7.09 28.57
N HIS B 263 -2.56 8.24 27.92
CA HIS B 263 -3.82 8.91 28.19
C HIS B 263 -5.03 8.04 27.76
N TRP B 264 -4.93 7.42 26.62
CA TRP B 264 -6.11 6.79 25.95
C TRP B 264 -6.33 5.44 26.46
N PHE B 265 -5.27 4.88 27.05
CA PHE B 265 -5.34 3.41 27.43
C PHE B 265 -5.28 3.06 28.89
N LEU B 266 -4.57 3.84 29.74
CA LEU B 266 -4.55 3.49 31.11
C LEU B 266 -5.93 3.43 31.78
N PRO B 267 -6.21 2.35 32.51
CA PRO B 267 -7.65 2.13 32.87
C PRO B 267 -8.14 3.18 33.87
N ILE B 268 -9.40 3.58 33.69
CA ILE B 268 -10.10 4.43 34.60
C ILE B 268 -11.48 3.77 34.78
N GLU B 269 -11.80 3.36 36.01
CA GLU B 269 -13.05 2.66 36.30
C GLU B 269 -14.20 3.37 35.70
N ASN B 270 -15.15 2.63 35.13
CA ASN B 270 -16.32 3.29 34.51
C ASN B 270 -16.06 4.15 33.29
N VAL B 271 -14.87 4.08 32.71
CA VAL B 271 -14.56 4.98 31.57
C VAL B 271 -13.83 4.15 30.49
N ILE B 272 -12.56 3.80 30.78
CA ILE B 272 -11.74 3.03 29.84
C ILE B 272 -11.15 1.80 30.51
N TYR B 273 -11.30 0.67 29.80
CA TYR B 273 -10.76 -0.66 30.25
C TYR B 273 -9.74 -1.13 29.25
N THR B 274 -8.47 -1.32 29.67
CA THR B 274 -7.50 -1.90 28.71
C THR B 274 -6.86 -3.12 29.41
N TYR B 275 -6.73 -4.25 28.71
CA TYR B 275 -6.16 -5.46 29.31
C TYR B 275 -4.98 -5.87 28.43
N VAL B 276 -3.91 -6.39 29.04
CA VAL B 276 -2.74 -6.81 28.24
C VAL B 276 -2.30 -8.20 28.61
N ASN B 277 -1.61 -8.83 27.66
CA ASN B 277 -0.98 -10.14 27.90
C ASN B 277 0.52 -9.91 27.74
N GLU B 278 1.25 -9.98 28.87
CA GLU B 278 2.68 -9.82 28.88
C GLU B 278 3.33 -11.22 28.87
N GLU B 279 4.15 -11.52 27.87
CA GLU B 279 4.89 -12.83 27.82
C GLU B 279 6.37 -12.53 27.64
N ASN B 280 7.18 -12.93 28.62
CA ASN B 280 8.61 -12.97 28.41
C ASN B 280 9.07 -11.55 28.18
N GLY B 281 8.46 -10.63 28.91
CA GLY B 281 8.87 -9.23 28.91
C GLY B 281 8.21 -8.32 27.88
N LYS B 282 7.20 -8.80 27.14
CA LYS B 282 6.73 -8.05 25.97
C LYS B 282 5.26 -8.06 25.95
N ILE B 283 4.65 -6.96 25.52
CA ILE B 283 3.19 -6.98 25.46
C ILE B 283 2.84 -7.63 24.13
N LYS B 284 2.16 -8.77 24.13
CA LYS B 284 1.88 -9.45 22.89
C LYS B 284 0.40 -9.43 22.46
N ASP B 285 -0.52 -9.09 23.39
CA ASP B 285 -1.91 -9.00 23.02
C ASP B 285 -2.52 -7.90 23.87
N MET B 286 -3.51 -7.24 23.31
CA MET B 286 -4.30 -6.21 24.04
C MET B 286 -5.77 -6.24 23.66
N ILE B 287 -6.59 -5.93 24.67
CA ILE B 287 -8.02 -5.77 24.56
C ILE B 287 -8.41 -4.39 25.17
N SER B 288 -9.23 -3.59 24.50
CA SER B 288 -9.73 -2.31 25.14
C SER B 288 -11.18 -2.04 24.77
N PHE B 289 -11.93 -1.53 25.74
CA PHE B 289 -13.28 -1.07 25.53
C PHE B 289 -13.60 0.05 26.47
N TYR B 290 -14.35 1.02 25.97
CA TYR B 290 -14.81 2.12 26.80
C TYR B 290 -16.25 2.00 27.27
N SER B 291 -16.57 2.70 28.36
CA SER B 291 -17.95 2.68 28.90
C SER B 291 -18.83 3.82 28.33
N LEU B 292 -20.02 3.51 27.75
CA LEU B 292 -20.88 4.56 27.30
C LEU B 292 -22.32 4.09 27.52
N PRO B 293 -22.85 4.41 28.73
CA PRO B 293 -24.21 3.95 28.97
C PRO B 293 -25.25 4.72 28.18
N SER B 294 -26.39 4.07 27.95
CA SER B 294 -27.52 4.83 27.45
C SER B 294 -28.60 4.95 28.57
N GLN B 295 -29.17 6.15 28.69
CA GLN B 295 -30.30 6.33 29.54
C GLN B 295 -31.49 5.66 28.82
N ILE B 296 -32.28 4.92 29.59
CA ILE B 296 -33.48 4.26 28.99
C ILE B 296 -34.69 5.11 29.30
N LEU B 297 -35.44 5.52 28.27
CA LEU B 297 -36.51 6.51 28.45
C LEU B 297 -37.86 5.85 28.65
N GLY B 298 -38.50 6.13 29.78
CA GLY B 298 -39.85 5.59 30.06
C GLY B 298 -40.00 4.12 30.33
N ASN B 299 -39.08 3.56 31.12
CA ASN B 299 -39.19 2.17 31.54
C ASN B 299 -39.15 2.19 33.04
N ASP B 300 -40.20 1.70 33.66
CA ASP B 300 -40.29 1.78 35.14
C ASP B 300 -39.25 0.95 35.80
N LYS B 301 -38.76 -0.07 35.12
CA LYS B 301 -37.94 -1.05 35.78
C LYS B 301 -36.43 -0.73 35.67
N TYR B 302 -36.04 -0.29 34.47
CA TYR B 302 -34.63 0.01 34.18
C TYR B 302 -34.50 1.43 33.73
N SER B 303 -33.49 2.13 34.23
CA SER B 303 -33.22 3.46 33.70
C SER B 303 -31.87 3.59 32.93
N THR B 304 -30.97 2.64 33.07
CA THR B 304 -29.64 2.69 32.42
C THR B 304 -29.37 1.37 31.70
N LEU B 305 -28.87 1.45 30.46
CA LEU B 305 -28.27 0.30 29.79
C LEU B 305 -26.74 0.49 29.89
N ASN B 306 -26.02 -0.45 30.54
CA ASN B 306 -24.57 -0.34 30.55
C ASN B 306 -23.95 -1.03 29.37
N ALA B 307 -23.23 -0.28 28.55
CA ALA B 307 -22.68 -0.79 27.31
C ALA B 307 -21.16 -0.54 27.25
N ALA B 308 -20.43 -1.59 26.88
CA ALA B 308 -19.01 -1.49 26.51
C ALA B 308 -18.89 -1.35 24.99
N TYR B 309 -17.97 -0.47 24.55
CA TYR B 309 -17.68 -0.25 23.17
C TYR B 309 -16.31 -0.71 22.87
N SER B 310 -16.20 -1.65 21.94
CA SER B 310 -14.89 -2.13 21.45
C SER B 310 -14.03 -0.97 20.98
N PHE B 311 -12.78 -0.95 21.40
CA PHE B 311 -11.91 0.22 21.16
C PHE B 311 -10.76 -0.28 20.23
N TYR B 312 -9.58 -0.68 20.78
CA TYR B 312 -8.51 -1.28 19.98
C TYR B 312 -8.14 -2.66 20.54
N ASN B 313 -8.13 -3.68 19.67
CA ASN B 313 -7.85 -5.08 20.10
C ASN B 313 -6.83 -5.67 19.15
N VAL B 314 -5.75 -6.29 19.67
CA VAL B 314 -4.64 -6.78 18.81
C VAL B 314 -4.18 -8.10 19.43
N THR B 315 -4.06 -9.15 18.62
CA THR B 315 -3.53 -10.40 19.12
C THR B 315 -2.37 -10.86 18.29
N THR B 316 -1.28 -11.30 18.96
CA THR B 316 -0.18 -12.02 18.28
C THR B 316 -0.02 -13.44 18.79
N THR B 317 -0.76 -13.85 19.82
CA THR B 317 -0.56 -15.20 20.43
C THR B 317 -1.81 -16.04 20.31
N ALA B 318 -2.89 -15.44 19.84
CA ALA B 318 -4.18 -16.16 19.81
C ALA B 318 -4.89 -15.91 18.53
N THR B 319 -6.09 -16.47 18.29
CA THR B 319 -6.76 -16.01 17.08
C THR B 319 -7.57 -14.72 17.43
N PHE B 320 -7.95 -13.92 16.43
CA PHE B 320 -8.75 -12.73 16.70
C PHE B 320 -10.10 -13.08 17.37
N LYS B 321 -10.71 -14.18 16.91
CA LYS B 321 -11.90 -14.70 17.56
C LYS B 321 -11.71 -15.04 19.05
N GLN B 322 -10.70 -15.79 19.41
CA GLN B 322 -10.41 -16.04 20.87
C GLN B 322 -10.21 -14.72 21.59
N LEU B 323 -9.59 -13.75 20.91
CA LEU B 323 -9.30 -12.46 21.56
C LEU B 323 -10.59 -11.68 21.87
N MET B 324 -11.47 -11.62 20.88
CA MET B 324 -12.78 -10.95 21.02
C MET B 324 -13.66 -11.71 21.98
N GLN B 325 -13.50 -13.02 22.02
CA GLN B 325 -14.21 -13.80 23.03
C GLN B 325 -13.76 -13.36 24.42
N ASP B 326 -12.47 -13.19 24.60
CA ASP B 326 -12.03 -12.67 25.87
C ASP B 326 -12.54 -11.30 26.15
N ALA B 327 -12.62 -10.45 25.12
CA ALA B 327 -13.08 -9.07 25.32
C ALA B 327 -14.52 -9.04 25.85
N ILE B 328 -15.41 -9.86 25.22
CA ILE B 328 -16.75 -10.05 25.78
C ILE B 328 -16.81 -10.48 27.21
N LEU B 329 -16.06 -11.50 27.57
CA LEU B 329 -16.03 -12.01 28.94
C LEU B 329 -15.56 -10.87 29.87
N LEU B 330 -14.51 -10.14 29.50
CA LEU B 330 -14.03 -9.06 30.38
C LEU B 330 -15.09 -7.96 30.53
N ALA B 331 -15.84 -7.71 29.45
CA ALA B 331 -16.99 -6.79 29.56
C ALA B 331 -18.02 -7.42 30.50
N LYS B 332 -18.30 -8.73 30.42
CA LYS B 332 -19.29 -9.34 31.35
C LYS B 332 -18.80 -9.18 32.80
N ARG B 333 -17.51 -9.44 32.99
CA ARG B 333 -16.90 -9.35 34.31
C ARG B 333 -16.99 -7.95 34.94
N ASN B 334 -17.08 -6.92 34.11
CA ASN B 334 -17.20 -5.56 34.59
C ASN B 334 -18.61 -5.02 34.55
N ASN B 335 -19.61 -5.93 34.44
CA ASN B 335 -21.04 -5.67 34.70
C ASN B 335 -21.67 -4.89 33.51
N PHE B 336 -21.17 -5.08 32.26
CA PHE B 336 -21.81 -4.50 31.08
C PHE B 336 -22.94 -5.45 30.62
N ASP B 337 -23.96 -4.84 30.06
CA ASP B 337 -25.18 -5.52 29.60
C ASP B 337 -25.04 -5.95 28.15
N VAL B 338 -24.19 -5.26 27.41
CA VAL B 338 -24.02 -5.48 25.96
C VAL B 338 -22.62 -5.01 25.59
N PHE B 339 -22.13 -5.60 24.51
CA PHE B 339 -20.76 -5.35 24.01
C PHE B 339 -21.00 -4.99 22.54
N ASN B 340 -20.62 -3.75 22.24
CA ASN B 340 -20.84 -3.13 20.96
C ASN B 340 -19.60 -2.96 20.15
N ALA B 341 -19.78 -3.17 18.85
CA ALA B 341 -18.63 -2.92 17.99
C ALA B 341 -19.03 -2.46 16.58
N LEU B 342 -18.07 -1.85 15.90
CA LEU B 342 -18.22 -1.48 14.49
C LEU B 342 -17.49 -2.46 13.56
N GLU B 343 -18.00 -2.64 12.34
CA GLU B 343 -17.32 -3.41 11.29
C GLU B 343 -16.09 -2.76 10.75
N VAL B 344 -15.29 -2.24 11.67
CA VAL B 344 -13.96 -1.72 11.31
C VAL B 344 -12.80 -2.64 11.65
N MET B 345 -11.59 -2.37 11.11
CA MET B 345 -10.43 -3.28 11.30
C MET B 345 -10.80 -4.72 10.96
N GLN B 346 -10.45 -5.68 11.80
CA GLN B 346 -10.79 -7.11 11.58
C GLN B 346 -12.11 -7.53 12.19
N ASN B 347 -12.88 -6.60 12.75
CA ASN B 347 -13.94 -7.00 13.67
C ASN B 347 -15.03 -7.79 12.89
N LYS B 348 -15.36 -7.43 11.65
CA LYS B 348 -16.55 -8.09 10.99
C LYS B 348 -16.35 -9.65 10.98
N SER B 349 -15.13 -10.09 10.82
CA SER B 349 -14.86 -11.54 10.67
C SER B 349 -15.30 -12.41 11.89
N VAL B 350 -15.42 -11.84 13.09
CA VAL B 350 -15.79 -12.61 14.29
C VAL B 350 -17.27 -12.45 14.64
N PHE B 351 -18.00 -11.58 13.93
CA PHE B 351 -19.34 -11.27 14.43
C PHE B 351 -20.32 -12.43 14.38
N GLU B 352 -20.29 -13.21 13.32
CA GLU B 352 -21.34 -14.22 13.20
C GLU B 352 -21.02 -15.37 14.25
N ASP B 353 -19.78 -15.83 14.30
CA ASP B 353 -19.34 -16.86 15.26
C ASP B 353 -19.49 -16.41 16.73
N LEU B 354 -19.33 -15.08 16.98
CA LEU B 354 -19.46 -14.60 18.36
C LEU B 354 -20.85 -14.12 18.75
N LYS B 355 -21.81 -14.36 17.88
CA LYS B 355 -23.22 -14.17 18.15
C LYS B 355 -23.57 -12.73 18.24
N PHE B 356 -22.82 -11.87 17.54
CA PHE B 356 -23.21 -10.43 17.38
C PHE B 356 -24.44 -10.34 16.45
N GLY B 357 -25.36 -9.41 16.75
CA GLY B 357 -26.47 -9.10 15.88
C GLY B 357 -26.24 -7.76 15.25
N GLU B 358 -26.62 -7.66 14.00
CA GLU B 358 -26.45 -6.41 13.21
C GLU B 358 -27.41 -5.35 13.75
N GLY B 359 -26.92 -4.16 14.06
CA GLY B 359 -27.79 -3.08 14.54
C GLY B 359 -28.64 -2.43 13.41
N ASP B 360 -29.13 -1.24 13.70
CA ASP B 360 -30.16 -0.57 12.93
C ASP B 360 -29.72 0.53 11.97
N GLY B 361 -28.49 0.99 12.03
CA GLY B 361 -28.08 1.95 10.97
C GLY B 361 -26.54 1.92 10.97
N SER B 362 -25.91 3.04 10.62
CA SER B 362 -24.46 2.95 10.44
C SER B 362 -23.72 4.20 10.90
N LEU B 363 -22.43 4.07 11.17
CA LEU B 363 -21.62 5.27 11.59
C LEU B 363 -20.77 5.70 10.41
N LYS B 364 -20.97 6.95 9.96
CA LYS B 364 -20.23 7.51 8.80
C LYS B 364 -18.94 8.24 9.33
N TYR B 365 -17.84 8.00 8.67
CA TYR B 365 -16.55 8.64 9.02
C TYR B 365 -16.36 9.75 7.98
N TYR B 366 -15.91 10.95 8.41
CA TYR B 366 -15.81 12.09 7.58
C TYR B 366 -14.42 12.69 7.81
N LEU B 367 -13.88 13.27 6.75
CA LEU B 367 -12.77 14.24 6.91
C LEU B 367 -13.26 15.66 6.37
N TYR B 368 -12.64 16.69 6.93
CA TYR B 368 -12.92 18.06 6.61
C TYR B 368 -11.72 18.66 5.92
N ASN B 369 -11.95 19.36 4.78
CA ASN B 369 -10.88 19.81 3.90
C ASN B 369 -9.83 18.73 3.48
N TRP B 370 -10.35 17.62 2.99
CA TRP B 370 -9.50 16.52 2.52
C TRP B 370 -10.18 15.73 1.44
N LYS B 371 -9.49 15.55 0.34
CA LYS B 371 -10.08 14.90 -0.83
C LYS B 371 -9.33 13.57 -0.97
N CYS B 372 -10.03 12.44 -1.06
CA CYS B 372 -9.39 11.14 -1.20
C CYS B 372 -10.41 10.11 -1.63
N ALA B 373 -9.90 8.96 -2.06
CA ALA B 373 -10.78 7.82 -2.39
C ALA B 373 -11.49 7.34 -1.08
N SER B 374 -12.75 6.91 -1.17
CA SER B 374 -13.41 6.34 0.00
C SER B 374 -13.02 4.85 0.08
N PHE B 375 -13.42 4.16 1.14
CA PHE B 375 -12.95 2.76 1.31
C PHE B 375 -13.91 2.00 2.24
N ALA B 376 -13.93 0.68 2.09
CA ALA B 376 -14.68 -0.28 2.98
C ALA B 376 -14.20 -0.10 4.37
N PRO B 377 -15.12 -0.24 5.35
CA PRO B 377 -14.80 -0.04 6.77
C PRO B 377 -13.74 -1.04 7.30
N ALA B 378 -13.49 -2.18 6.61
CA ALA B 378 -12.38 -3.01 7.04
C ALA B 378 -11.06 -2.21 6.97
N HIS B 379 -11.01 -1.16 6.14
CA HIS B 379 -9.73 -0.40 6.02
C HIS B 379 -9.66 0.78 7.03
N VAL B 380 -10.78 0.98 7.77
CA VAL B 380 -10.78 1.92 8.92
C VAL B 380 -10.00 1.43 10.13
N GLY B 381 -9.02 2.22 10.61
CA GLY B 381 -8.25 1.78 11.75
C GLY B 381 -8.36 2.77 12.88
N ILE B 382 -9.49 3.46 12.98
CA ILE B 382 -9.67 4.45 14.11
C ILE B 382 -11.07 4.30 14.63
N VAL B 383 -11.21 4.44 15.94
CA VAL B 383 -12.50 4.33 16.65
C VAL B 383 -12.65 5.61 17.45
N LEU B 384 -13.64 6.41 17.09
CA LEU B 384 -13.88 7.72 17.77
C LEU B 384 -14.86 7.47 18.92
N LEU B 385 -14.92 8.37 19.90
CA LEU B 385 -15.73 8.10 21.11
C LEU B 385 -17.25 8.34 20.93
N ASP C 2 30.72 -12.39 -12.72
CA ASP C 2 30.27 -13.13 -11.48
C ASP C 2 30.48 -12.48 -10.08
N TYR C 3 31.27 -11.40 -9.97
CA TYR C 3 31.19 -10.42 -8.82
C TYR C 3 31.41 -11.06 -7.42
N LYS C 4 32.58 -11.64 -7.21
CA LYS C 4 32.83 -12.45 -6.01
C LYS C 4 32.80 -11.61 -4.72
N PHE C 5 33.25 -10.35 -4.80
CA PHE C 5 33.12 -9.46 -3.67
C PHE C 5 31.72 -8.89 -3.55
N TRP C 6 31.22 -8.26 -4.61
CA TRP C 6 29.85 -7.66 -4.56
C TRP C 6 28.76 -8.57 -4.11
N TYR C 7 28.80 -9.83 -4.50
CA TYR C 7 27.79 -10.88 -4.13
CA TYR C 7 27.64 -10.66 -4.13
C TYR C 7 27.64 -11.08 -2.60
N THR C 8 28.71 -10.76 -1.86
CA THR C 8 28.70 -10.93 -0.43
C THR C 8 28.07 -9.70 0.24
N GLN C 9 27.85 -8.62 -0.51
CA GLN C 9 27.38 -7.35 0.01
C GLN C 9 25.86 -7.26 -0.09
N PRO C 10 25.25 -6.41 0.75
CA PRO C 10 23.83 -6.14 0.62
C PRO C 10 23.50 -5.20 -0.59
N VAL C 11 23.58 -5.72 -1.83
CA VAL C 11 23.27 -4.95 -3.07
C VAL C 11 22.52 -5.93 -3.95
N PRO C 12 21.85 -5.46 -5.03
CA PRO C 12 20.95 -6.46 -5.73
C PRO C 12 21.83 -7.39 -6.53
N LYS C 13 21.32 -8.55 -6.94
CA LYS C 13 22.10 -9.40 -7.86
C LYS C 13 21.94 -8.82 -9.26
N ILE C 14 22.84 -9.17 -10.18
CA ILE C 14 22.91 -8.53 -11.48
C ILE C 14 21.64 -8.67 -12.32
N ASN C 15 20.79 -9.67 -12.03
CA ASN C 15 19.53 -9.78 -12.78
C ASN C 15 18.28 -9.33 -12.04
N ASP C 16 18.45 -8.86 -10.78
CA ASP C 16 17.29 -8.45 -9.94
C ASP C 16 16.51 -7.32 -10.56
N GLU C 17 15.19 -7.42 -10.56
CA GLU C 17 14.34 -6.27 -10.82
C GLU C 17 13.31 -6.17 -9.71
N PHE C 18 12.89 -4.96 -9.35
CA PHE C 18 11.99 -4.83 -8.21
C PHE C 18 10.70 -4.10 -8.58
N ASN C 19 9.59 -4.50 -7.94
CA ASN C 19 8.31 -3.82 -8.18
C ASN C 19 8.36 -2.42 -7.63
N GLU C 20 7.52 -1.58 -8.23
CA GLU C 20 7.40 -0.16 -7.90
C GLU C 20 7.22 0.13 -6.41
N SER C 21 6.56 -0.80 -5.71
CA SER C 21 6.30 -0.62 -4.29
C SER C 21 7.45 -1.00 -3.35
N VAL C 22 8.51 -1.62 -3.85
CA VAL C 22 9.58 -2.09 -2.94
C VAL C 22 10.45 -0.90 -2.68
N ASN C 23 10.72 -0.52 -1.42
CA ASN C 23 11.56 0.63 -1.19
C ASN C 23 12.11 0.54 0.21
N GLU C 24 13.19 -0.19 0.40
CA GLU C 24 13.56 -0.65 1.76
C GLU C 24 14.99 -1.20 1.77
N PRO C 25 15.56 -1.37 2.96
CA PRO C 25 16.91 -1.90 3.00
C PRO C 25 16.94 -3.43 2.69
N PHE C 26 18.08 -3.94 2.27
CA PHE C 26 18.24 -5.37 2.19
C PHE C 26 18.25 -5.93 3.58
N ILE C 27 18.95 -5.20 4.47
CA ILE C 27 19.23 -5.67 5.84
C ILE C 27 18.83 -4.55 6.82
N SER C 28 17.91 -4.85 7.76
CA SER C 28 17.38 -3.87 8.72
CA SER C 28 17.41 -3.87 8.71
C SER C 28 17.75 -4.28 10.14
N ASP C 29 17.40 -3.44 11.10
CA ASP C 29 17.64 -3.74 12.53
C ASP C 29 19.14 -3.91 12.79
N ASN C 30 19.89 -3.10 12.08
CA ASN C 30 21.35 -3.03 12.26
C ASN C 30 21.64 -2.46 13.62
N LYS C 31 22.76 -2.83 14.25
CA LYS C 31 23.06 -2.30 15.59
C LYS C 31 24.53 -1.82 15.67
N VAL C 32 24.74 -0.54 15.94
CA VAL C 32 26.12 -0.02 16.16
C VAL C 32 26.95 -0.92 17.09
N GLU C 33 26.37 -1.41 18.19
CA GLU C 33 27.20 -2.15 19.19
C GLU C 33 27.80 -3.47 18.63
N ASP C 34 27.19 -4.07 17.60
CA ASP C 34 27.64 -5.31 16.98
C ASP C 34 28.65 -5.03 15.84
N VAL C 35 28.87 -3.77 15.48
CA VAL C 35 29.86 -3.43 14.43
C VAL C 35 31.30 -3.80 14.82
N ARG C 36 32.05 -4.36 13.88
CA ARG C 36 33.46 -4.69 14.08
C ARG C 36 34.23 -3.47 14.59
N LYS C 37 34.99 -3.66 15.65
CA LYS C 37 35.70 -2.52 16.21
C LYS C 37 37.14 -2.49 15.77
N ASP C 38 37.58 -3.52 15.04
CA ASP C 38 38.92 -3.65 14.56
C ASP C 38 38.99 -3.15 13.08
N GLU C 39 40.06 -2.41 12.82
CA GLU C 39 40.42 -2.11 11.40
C GLU C 39 40.60 -3.36 10.53
N TYR C 40 40.16 -3.30 9.25
CA TYR C 40 40.45 -4.40 8.36
C TYR C 40 41.90 -4.60 8.13
N LYS C 41 42.28 -5.86 7.94
CA LYS C 41 43.69 -6.19 7.75
C LYS C 41 44.20 -5.85 6.34
N LEU C 42 45.37 -5.28 6.32
CA LEU C 42 46.04 -4.91 5.08
C LEU C 42 47.24 -5.86 4.89
N PRO C 43 47.74 -5.98 3.67
CA PRO C 43 48.93 -6.75 3.45
C PRO C 43 50.16 -6.20 4.19
N PRO C 44 51.17 -7.03 4.41
CA PRO C 44 52.44 -6.67 5.09
C PRO C 44 53.08 -5.40 4.50
N GLY C 45 53.28 -4.41 5.34
CA GLY C 45 53.99 -3.18 4.97
C GLY C 45 53.06 -2.08 4.51
N TYR C 46 51.73 -2.30 4.63
CA TYR C 46 50.78 -1.26 4.35
C TYR C 46 50.04 -0.92 5.63
N SER C 47 49.70 0.34 5.78
CA SER C 47 49.04 0.82 7.00
CA SER C 47 49.08 0.82 7.00
C SER C 47 47.92 1.78 6.67
N TRP C 48 46.87 1.72 7.47
CA TRP C 48 45.82 2.76 7.39
C TRP C 48 46.42 4.06 7.82
N TYR C 49 45.93 5.15 7.20
CA TYR C 49 46.39 6.48 7.54
C TYR C 49 45.23 7.42 7.76
N VAL C 50 45.29 8.23 8.80
CA VAL C 50 44.15 9.15 9.07
C VAL C 50 44.45 10.42 8.25
N CYS C 51 43.72 10.61 7.18
CA CYS C 51 44.02 11.78 6.33
C CYS C 51 43.36 13.00 6.96
N ASP C 52 44.13 14.02 7.32
CA ASP C 52 43.53 15.30 7.75
C ASP C 52 43.42 16.27 6.52
N VAL C 53 42.27 16.31 5.85
N VAL C 53 42.25 16.31 5.89
CA VAL C 53 42.17 17.12 4.64
CA VAL C 53 42.05 17.13 4.71
C VAL C 53 42.32 18.63 4.90
C VAL C 53 42.28 18.63 4.91
N LYS C 54 42.20 19.09 6.16
CA LYS C 54 42.38 20.52 6.47
C LYS C 54 43.88 20.84 6.65
N ASP C 55 44.70 19.80 6.79
CA ASP C 55 46.16 19.91 6.87
C ASP C 55 46.72 20.01 5.43
N GLU C 56 47.43 21.09 5.08
CA GLU C 56 47.82 21.29 3.68
CA GLU C 56 47.89 21.33 3.70
C GLU C 56 48.73 20.16 3.21
N LYS C 57 49.61 19.67 4.06
CA LYS C 57 50.45 18.53 3.71
C LYS C 57 49.62 17.21 3.36
N ASP C 58 48.75 16.77 4.25
CA ASP C 58 47.91 15.61 4.02
C ASP C 58 47.08 15.86 2.76
N ARG C 59 46.57 17.08 2.60
CA ARG C 59 45.73 17.38 1.46
C ARG C 59 46.53 17.19 0.17
N SER C 60 47.78 17.62 0.20
CA SER C 60 48.59 17.55 -1.00
CA SER C 60 48.65 17.54 -0.94
C SER C 60 48.96 16.12 -1.36
N GLU C 61 49.09 15.22 -0.38
CA GLU C 61 49.40 13.85 -0.64
C GLU C 61 48.19 13.14 -1.27
N ILE C 62 46.98 13.53 -0.89
CA ILE C 62 45.74 12.99 -1.55
C ILE C 62 45.73 13.53 -2.99
N TYR C 63 45.96 14.83 -3.15
CA TYR C 63 46.06 15.48 -4.46
C TYR C 63 46.99 14.72 -5.41
N THR C 64 48.24 14.52 -5.04
CA THR C 64 49.18 13.76 -5.87
C THR C 64 48.74 12.27 -6.13
N LEU C 65 48.17 11.58 -5.13
CA LEU C 65 47.69 10.24 -5.34
C LEU C 65 46.65 10.25 -6.50
N LEU C 66 45.66 11.14 -6.44
CA LEU C 66 44.58 11.16 -7.45
C LEU C 66 45.13 11.70 -8.78
N THR C 67 46.07 12.67 -8.77
CA THR C 67 46.52 13.23 -10.04
C THR C 67 47.26 12.16 -10.87
N ASP C 68 48.00 11.28 -10.17
CA ASP C 68 48.76 10.23 -10.82
C ASP C 68 47.88 9.00 -11.12
N ASN C 69 46.87 8.73 -10.29
CA ASN C 69 46.24 7.42 -10.31
C ASN C 69 44.76 7.34 -10.49
N TYR C 70 44.06 8.47 -10.65
CA TYR C 70 42.60 8.40 -10.57
C TYR C 70 42.01 8.08 -11.94
N VAL C 71 40.73 8.38 -12.15
CA VAL C 71 40.00 7.83 -13.33
C VAL C 71 40.48 8.43 -14.64
N GLU C 72 40.63 7.57 -15.68
CA GLU C 72 41.00 7.93 -17.04
C GLU C 72 39.89 7.50 -18.01
N ASP C 73 39.88 8.05 -19.20
CA ASP C 73 38.80 7.72 -20.15
C ASP C 73 39.13 6.34 -20.75
N ASP C 74 38.17 5.73 -21.47
CA ASP C 74 38.35 4.39 -22.00
CA ASP C 74 38.34 4.39 -22.04
C ASP C 74 39.65 4.25 -22.84
N ASP C 75 40.10 5.35 -23.48
CA ASP C 75 41.31 5.34 -24.34
C ASP C 75 42.58 6.01 -23.82
N ASN C 76 42.58 6.28 -22.53
CA ASN C 76 43.77 6.74 -21.82
C ASN C 76 44.43 7.98 -22.32
N ILE C 77 43.64 8.93 -22.78
CA ILE C 77 44.20 10.21 -23.21
C ILE C 77 43.97 11.29 -22.15
N PHE C 78 42.94 11.12 -21.32
CA PHE C 78 42.78 12.04 -20.19
C PHE C 78 42.75 11.33 -18.84
N ARG C 79 43.20 12.04 -17.78
CA ARG C 79 42.99 11.59 -16.37
C ARG C 79 42.35 12.77 -15.56
N PHE C 80 41.29 12.51 -14.78
CA PHE C 80 40.78 13.58 -13.90
C PHE C 80 41.91 14.18 -13.02
N ASN C 81 41.85 15.49 -12.77
CA ASN C 81 42.83 16.21 -11.97
C ASN C 81 42.03 17.16 -11.03
N TYR C 82 41.28 16.58 -10.09
CA TYR C 82 40.70 17.34 -8.96
C TYR C 82 41.82 18.16 -8.24
N SER C 83 41.57 19.46 -8.07
CA SER C 83 42.53 20.36 -7.41
C SER C 83 42.54 20.05 -5.93
N ALA C 84 43.64 20.42 -5.24
CA ALA C 84 43.65 20.37 -3.80
C ALA C 84 42.52 21.19 -3.16
N GLU C 85 42.17 22.36 -3.72
CA GLU C 85 41.23 23.22 -3.10
C GLU C 85 39.86 22.59 -3.37
N PHE C 86 39.71 21.91 -4.49
CA PHE C 86 38.43 21.19 -4.78
C PHE C 86 38.26 20.06 -3.73
N LEU C 87 39.34 19.33 -3.42
CA LEU C 87 39.26 18.21 -2.43
C LEU C 87 38.81 18.77 -1.07
N LEU C 88 39.31 19.96 -0.67
CA LEU C 88 38.94 20.57 0.60
C LEU C 88 37.45 20.81 0.69
N TRP C 89 36.87 21.35 -0.39
CA TRP C 89 35.45 21.68 -0.50
C TRP C 89 34.63 20.44 -0.53
N ALA C 90 35.07 19.44 -1.30
CA ALA C 90 34.26 18.27 -1.49
C ALA C 90 34.19 17.39 -0.22
N LEU C 91 35.21 17.52 0.68
CA LEU C 91 35.32 16.61 1.81
C LEU C 91 34.88 17.16 3.15
N THR C 92 34.68 18.48 3.25
CA THR C 92 34.44 19.15 4.52
C THR C 92 33.10 19.79 4.63
N SER C 93 32.06 19.15 4.03
CA SER C 93 30.75 19.68 4.04
C SER C 93 30.17 19.53 5.45
N PRO C 94 28.93 19.99 5.65
CA PRO C 94 28.59 20.07 7.05
C PRO C 94 28.47 18.71 7.74
N ASN C 95 28.93 18.69 8.98
CA ASN C 95 28.84 17.47 9.86
C ASN C 95 29.73 16.34 9.34
N TYR C 96 30.63 16.64 8.41
CA TYR C 96 31.53 15.58 7.89
C TYR C 96 32.32 14.92 9.04
N LEU C 97 32.79 13.73 8.77
CA LEU C 97 33.49 12.91 9.77
C LEU C 97 34.90 12.70 9.32
N LYS C 98 35.85 13.09 10.16
CA LYS C 98 37.26 12.92 9.83
CA LYS C 98 37.24 12.92 9.77
C LYS C 98 37.61 11.43 9.68
N THR C 99 36.89 10.57 10.38
CA THR C 99 37.14 9.13 10.28
C THR C 99 36.76 8.61 8.86
N TRP C 100 36.00 9.39 8.07
CA TRP C 100 35.64 8.87 6.71
C TRP C 100 36.58 9.36 5.61
N HIS C 101 37.73 9.88 5.97
CA HIS C 101 38.76 10.29 5.03
C HIS C 101 39.97 9.37 5.27
N ILE C 102 40.02 8.32 4.45
CA ILE C 102 40.87 7.12 4.75
C ILE C 102 41.99 6.88 3.75
N GLY C 103 43.25 6.96 4.20
CA GLY C 103 44.40 6.69 3.33
C GLY C 103 44.98 5.31 3.62
N VAL C 104 45.73 4.77 2.63
CA VAL C 104 46.53 3.59 2.93
C VAL C 104 47.92 4.02 2.52
N LYS C 105 48.87 3.87 3.43
CA LYS C 105 50.26 4.17 3.14
C LYS C 105 51.11 2.93 2.93
N TYR C 106 52.17 3.11 2.15
CA TYR C 106 53.20 2.06 2.01
C TYR C 106 54.31 2.37 2.97
N ASP C 107 54.58 1.47 3.91
CA ASP C 107 55.42 1.91 5.04
C ASP C 107 56.84 2.16 4.60
N ALA C 108 57.31 1.50 3.54
CA ALA C 108 58.69 1.69 3.04
C ALA C 108 58.95 3.09 2.49
N SER C 109 57.91 3.71 1.94
CA SER C 109 58.03 5.05 1.28
C SER C 109 57.35 6.17 2.06
N ASN C 110 56.51 5.84 3.03
CA ASN C 110 55.65 6.84 3.69
C ASN C 110 54.77 7.65 2.71
N LYS C 111 54.40 7.02 1.57
CA LYS C 111 53.56 7.66 0.52
C LYS C 111 52.18 6.97 0.47
N LEU C 112 51.16 7.72 0.11
CA LEU C 112 49.79 7.18 0.00
C LEU C 112 49.64 6.31 -1.26
N ILE C 113 49.13 5.08 -1.14
CA ILE C 113 48.91 4.22 -2.32
C ILE C 113 47.44 3.93 -2.44
N GLY C 114 46.65 4.43 -1.49
CA GLY C 114 45.17 4.20 -1.64
C GLY C 114 44.38 5.22 -0.84
N PHE C 115 43.10 5.34 -1.17
CA PHE C 115 42.28 6.42 -0.60
C PHE C 115 40.84 6.08 -0.86
N ILE C 116 39.97 6.38 0.09
CA ILE C 116 38.50 6.39 -0.18
C ILE C 116 37.91 7.39 0.76
N SER C 117 36.72 7.89 0.47
CA SER C 117 36.15 8.99 1.34
C SER C 117 34.66 8.90 1.29
N ALA C 118 34.03 9.53 2.29
CA ALA C 118 32.57 9.68 2.26
C ALA C 118 32.21 10.94 3.06
N ILE C 119 31.00 11.50 2.80
CA ILE C 119 30.47 12.61 3.56
C ILE C 119 29.01 12.23 3.79
N PRO C 120 28.47 12.76 4.90
CA PRO C 120 27.12 12.42 5.23
C PRO C 120 26.05 13.32 4.64
N THR C 121 24.93 12.71 4.19
CA THR C 121 23.91 13.59 3.69
C THR C 121 22.58 12.77 3.72
N ASP C 122 21.47 13.48 3.76
CA ASP C 122 20.16 12.90 3.66
C ASP C 122 19.80 12.76 2.21
N ILE C 123 19.37 11.57 1.87
CA ILE C 123 19.04 11.20 0.52
C ILE C 123 17.58 10.72 0.53
N CYS C 124 16.81 11.26 -0.41
CA CYS C 124 15.39 10.91 -0.57
C CYS C 124 15.33 10.03 -1.78
N ILE C 125 15.01 8.75 -1.53
CA ILE C 125 14.85 7.77 -2.57
C ILE C 125 13.38 7.30 -2.64
N HIS C 126 12.77 7.38 -3.82
CA HIS C 126 11.31 7.09 -3.97
CA HIS C 126 11.32 7.10 -3.96
C HIS C 126 10.54 7.67 -2.78
N LYS C 127 10.74 8.95 -2.50
CA LYS C 127 10.05 9.69 -1.43
C LYS C 127 10.33 9.29 0.05
N ARG C 128 11.25 8.33 0.33
CA ARG C 128 11.66 8.05 1.70
C ARG C 128 13.05 8.70 1.91
N THR C 129 13.18 9.49 2.95
CA THR C 129 14.48 10.18 3.28
C THR C 129 15.29 9.35 4.27
N ILE C 130 16.53 8.96 3.89
CA ILE C 130 17.38 8.01 4.69
C ILE C 130 18.75 8.72 4.89
N LYS C 131 19.31 8.63 6.06
CA LYS C 131 20.64 9.25 6.20
C LYS C 131 21.70 8.35 5.53
N MET C 132 22.50 8.89 4.60
CA MET C 132 23.40 8.03 3.85
C MET C 132 24.80 8.57 3.89
N ALA C 133 25.76 7.72 3.57
CA ALA C 133 27.09 8.17 3.20
C ALA C 133 27.22 8.32 1.66
N GLU C 134 27.86 9.39 1.21
CA GLU C 134 28.11 9.60 -0.21
C GLU C 134 29.57 9.31 -0.44
N VAL C 135 29.84 8.20 -1.12
CA VAL C 135 31.23 7.70 -1.27
C VAL C 135 31.85 8.19 -2.54
N ASN C 136 33.11 8.62 -2.48
CA ASN C 136 33.79 9.11 -3.61
C ASN C 136 35.32 9.03 -3.40
N PHE C 137 36.01 9.17 -4.52
CA PHE C 137 37.45 9.20 -4.54
C PHE C 137 38.10 7.89 -4.21
N LEU C 138 37.44 6.78 -4.50
CA LEU C 138 38.12 5.50 -4.33
C LEU C 138 39.28 5.39 -5.33
N CYS C 139 40.50 5.15 -4.86
CA CYS C 139 41.66 5.09 -5.76
C CYS C 139 42.73 4.15 -5.20
N VAL C 140 43.23 3.19 -5.99
CA VAL C 140 44.42 2.39 -5.68
C VAL C 140 45.52 2.74 -6.70
N HIS C 141 46.73 3.02 -6.22
CA HIS C 141 47.87 3.26 -7.07
C HIS C 141 47.98 2.29 -8.18
N LYS C 142 48.42 2.80 -9.34
CA LYS C 142 48.48 2.03 -10.61
C LYS C 142 49.29 0.77 -10.46
N THR C 143 50.39 0.82 -9.69
CA THR C 143 51.29 -0.35 -9.49
C THR C 143 50.68 -1.44 -8.59
N LEU C 144 49.53 -1.18 -7.95
CA LEU C 144 48.88 -2.16 -7.05
C LEU C 144 47.52 -2.59 -7.48
N ARG C 145 47.26 -2.51 -8.78
CA ARG C 145 45.97 -2.93 -9.32
C ARG C 145 45.74 -4.47 -9.35
N SER C 146 44.48 -4.86 -9.30
CA SER C 146 44.04 -6.25 -9.29
C SER C 146 44.63 -7.13 -8.22
N LYS C 147 44.75 -6.59 -7.02
CA LYS C 147 45.30 -7.26 -5.87
C LYS C 147 44.25 -7.25 -4.77
N ARG C 148 42.98 -7.05 -5.13
CA ARG C 148 41.91 -7.05 -4.15
C ARG C 148 42.05 -6.02 -3.02
N LEU C 149 42.74 -4.90 -3.27
CA LEU C 149 42.79 -3.83 -2.27
C LEU C 149 41.50 -3.05 -2.22
N ALA C 150 40.85 -2.89 -3.38
CA ALA C 150 39.59 -2.11 -3.36
C ALA C 150 38.52 -2.63 -2.34
N PRO C 151 38.30 -3.98 -2.22
CA PRO C 151 37.25 -4.47 -1.28
C PRO C 151 37.66 -4.18 0.16
N VAL C 152 38.94 -4.08 0.41
CA VAL C 152 39.38 -3.81 1.78
C VAL C 152 39.02 -2.36 2.13
N LEU C 153 39.39 -1.42 1.27
CA LEU C 153 38.94 0.00 1.46
C LEU C 153 37.46 0.07 1.63
N ILE C 154 36.75 -0.67 0.81
CA ILE C 154 35.29 -0.57 0.83
C ILE C 154 34.74 -1.08 2.15
N LYS C 155 35.18 -2.26 2.57
CA LYS C 155 34.74 -2.80 3.82
C LYS C 155 35.19 -1.91 5.00
N GLU C 156 36.40 -1.36 4.96
CA GLU C 156 36.82 -0.47 6.05
C GLU C 156 35.98 0.82 6.11
N ILE C 157 35.70 1.47 4.96
CA ILE C 157 34.84 2.64 5.11
C ILE C 157 33.41 2.23 5.49
N THR C 158 32.90 1.08 5.01
CA THR C 158 31.57 0.67 5.49
C THR C 158 31.55 0.50 7.02
N ARG C 159 32.62 -0.15 7.55
CA ARG C 159 32.72 -0.27 9.00
C ARG C 159 32.62 1.12 9.73
N ARG C 160 33.40 2.12 9.30
CA ARG C 160 33.40 3.44 9.99
C ARG C 160 32.12 4.25 9.79
N ILE C 161 31.47 3.96 8.67
CA ILE C 161 30.15 4.51 8.43
C ILE C 161 29.14 3.85 9.38
N ASN C 162 29.15 2.54 9.52
CA ASN C 162 28.20 1.94 10.45
C ASN C 162 28.40 2.35 11.88
N LEU C 163 29.62 2.74 12.29
CA LEU C 163 29.79 3.21 13.66
C LEU C 163 29.10 4.59 13.96
N GLU C 164 28.60 5.25 12.89
CA GLU C 164 27.78 6.43 13.01
C GLU C 164 26.25 6.09 12.86
N ASN C 165 25.95 4.81 12.97
CA ASN C 165 24.54 4.28 12.84
C ASN C 165 23.95 4.62 11.50
N ILE C 166 24.77 4.56 10.47
CA ILE C 166 24.40 4.83 9.12
C ILE C 166 24.64 3.54 8.31
N TRP C 167 23.64 3.15 7.52
CA TRP C 167 23.60 1.85 6.96
C TRP C 167 23.31 1.79 5.48
N GLN C 168 23.14 2.97 4.86
CA GLN C 168 23.01 3.12 3.42
C GLN C 168 24.11 4.03 2.82
N ALA C 169 24.45 3.84 1.56
CA ALA C 169 25.30 4.76 0.89
C ALA C 169 24.87 5.01 -0.55
N ILE C 170 25.38 6.10 -1.10
CA ILE C 170 25.20 6.36 -2.51
C ILE C 170 26.53 6.55 -3.14
N TYR C 171 26.63 6.09 -4.40
CA TYR C 171 27.87 6.16 -5.16
C TYR C 171 27.58 6.04 -6.63
N THR C 172 28.53 6.54 -7.40
CA THR C 172 28.46 6.51 -8.88
C THR C 172 29.73 5.85 -9.40
N ALA C 173 29.61 5.14 -10.52
CA ALA C 173 30.86 4.78 -11.24
C ALA C 173 30.59 4.64 -12.70
N GLY C 174 31.66 4.76 -13.47
CA GLY C 174 31.59 4.48 -14.92
C GLY C 174 31.40 3.01 -15.19
N VAL C 175 31.91 2.17 -14.28
CA VAL C 175 31.83 0.70 -14.51
C VAL C 175 30.48 0.12 -14.09
N TYR C 176 30.14 -1.01 -14.68
CA TYR C 176 28.89 -1.68 -14.46
C TYR C 176 29.04 -2.70 -13.31
N LEU C 177 28.35 -2.47 -12.20
CA LEU C 177 28.47 -3.22 -10.97
C LEU C 177 27.06 -3.66 -10.61
N PRO C 178 26.87 -4.60 -9.66
CA PRO C 178 25.50 -4.95 -9.19
C PRO C 178 25.05 -3.90 -8.18
N LYS C 179 23.96 -3.18 -8.45
CA LYS C 179 23.34 -3.08 -9.78
C LYS C 179 22.87 -1.60 -9.88
N PRO C 180 22.96 -0.95 -11.03
CA PRO C 180 22.47 0.49 -11.01
C PRO C 180 21.07 0.72 -10.62
N VAL C 181 20.79 1.83 -9.95
CA VAL C 181 19.36 2.22 -9.78
C VAL C 181 18.97 3.14 -10.92
N SER C 182 19.98 3.73 -11.54
CA SER C 182 19.81 4.44 -12.77
C SER C 182 21.12 4.54 -13.49
N ASP C 183 21.01 4.87 -14.79
CA ASP C 183 22.19 5.03 -15.65
C ASP C 183 22.00 6.32 -16.48
N ALA C 184 23.02 7.19 -16.48
CA ALA C 184 22.99 8.44 -17.19
C ALA C 184 24.12 8.61 -18.14
N ARG C 185 23.80 8.79 -19.43
CA ARG C 185 24.86 9.16 -20.40
C ARG C 185 25.39 10.53 -20.19
N TYR C 186 26.68 10.71 -20.48
CA TYR C 186 27.20 12.07 -20.43
C TYR C 186 27.33 12.71 -21.80
N TYR C 187 27.21 14.05 -21.82
CA TYR C 187 27.21 14.88 -23.02
C TYR C 187 28.12 16.09 -22.79
N HIS C 188 28.63 16.65 -23.90
CA HIS C 188 29.76 17.57 -23.87
C HIS C 188 29.43 18.69 -24.83
N ARG C 189 29.49 19.93 -24.35
N ARG C 189 29.47 19.93 -24.36
CA ARG C 189 29.35 21.09 -25.25
CA ARG C 189 29.34 21.03 -25.31
C ARG C 189 30.70 21.73 -25.42
C ARG C 189 30.67 21.73 -25.43
N SER C 190 31.24 21.75 -26.64
CA SER C 190 32.54 22.37 -26.88
C SER C 190 32.56 23.88 -26.79
N ILE C 191 33.60 24.45 -26.16
CA ILE C 191 33.73 25.83 -26.07
C ILE C 191 35.03 26.30 -26.77
N ASN C 192 36.19 25.77 -26.41
CA ASN C 192 37.45 26.11 -27.04
CA ASN C 192 37.44 26.14 -27.06
C ASN C 192 37.68 25.03 -28.08
N VAL C 193 36.92 25.13 -29.20
CA VAL C 193 36.81 24.13 -30.25
C VAL C 193 38.18 23.73 -30.84
N LYS C 194 39.06 24.71 -31.01
CA LYS C 194 40.32 24.48 -31.65
C LYS C 194 41.11 23.53 -30.76
N LYS C 195 41.13 23.84 -29.47
CA LYS C 195 41.90 23.01 -28.51
C LYS C 195 41.30 21.61 -28.38
N LEU C 196 40.00 21.50 -28.30
CA LEU C 196 39.34 20.19 -28.28
C LEU C 196 39.57 19.26 -29.51
N ILE C 197 39.70 19.86 -30.70
CA ILE C 197 39.98 19.04 -31.88
C ILE C 197 41.42 18.53 -31.84
N GLU C 198 42.38 19.42 -31.54
CA GLU C 198 43.77 19.02 -31.37
C GLU C 198 44.03 17.83 -30.42
N ILE C 199 43.44 17.88 -29.23
CA ILE C 199 43.79 16.91 -28.20
C ILE C 199 43.02 15.60 -28.38
N GLY C 200 42.11 15.54 -29.33
CA GLY C 200 41.40 14.29 -29.59
C GLY C 200 40.12 14.02 -28.79
N PHE C 201 39.48 15.10 -28.36
CA PHE C 201 38.16 15.03 -27.79
C PHE C 201 37.17 14.59 -28.89
N ARG C 218 30.72 29.77 -32.44
CA ARG C 218 30.31 31.17 -32.26
C ARG C 218 29.25 31.32 -31.14
N VAL C 219 29.59 31.99 -30.03
CA VAL C 219 28.53 32.15 -29.04
C VAL C 219 28.34 33.64 -28.75
N GLU C 220 27.11 34.07 -28.68
CA GLU C 220 26.83 35.51 -28.40
C GLU C 220 27.13 35.78 -26.93
N ASP C 221 28.03 36.71 -26.67
CA ASP C 221 28.37 37.14 -25.31
C ASP C 221 27.31 38.03 -24.58
N THR C 222 26.02 37.68 -24.69
CA THR C 222 24.96 38.29 -23.93
C THR C 222 24.08 37.25 -23.26
N LEU C 223 23.80 37.43 -21.97
CA LEU C 223 22.92 36.54 -21.17
C LEU C 223 21.50 36.68 -21.60
N ASN C 224 20.79 35.59 -21.68
CA ASN C 224 19.34 35.71 -21.82
C ASN C 224 18.68 36.31 -20.55
N ILE C 225 19.18 35.97 -19.36
CA ILE C 225 18.61 36.37 -18.07
C ILE C 225 19.63 37.44 -17.60
N LYS C 226 19.40 38.70 -18.00
CA LYS C 226 20.45 39.70 -17.93
C LYS C 226 21.09 39.91 -16.54
N ASN C 227 20.30 39.67 -15.48
CA ASN C 227 20.77 39.98 -14.13
C ASN C 227 21.43 38.82 -13.37
N MET C 228 21.66 37.68 -14.06
CA MET C 228 22.34 36.52 -13.49
CA MET C 228 22.36 36.53 -13.47
C MET C 228 23.67 37.02 -12.87
N ARG C 229 23.92 36.68 -11.59
CA ARG C 229 25.11 37.26 -10.87
C ARG C 229 25.65 36.26 -9.88
N LEU C 230 26.88 36.45 -9.40
CA LEU C 230 27.45 35.41 -8.56
C LEU C 230 26.63 35.43 -7.30
N MET C 231 26.41 34.26 -6.72
CA MET C 231 25.67 34.06 -5.48
C MET C 231 26.45 34.70 -4.32
N LYS C 232 25.69 35.32 -3.45
CA LYS C 232 26.24 35.89 -2.23
C LYS C 232 25.65 35.21 -1.02
N LYS C 233 26.32 35.35 0.10
CA LYS C 233 25.73 34.81 1.34
C LYS C 233 24.27 35.16 1.59
N LYS C 234 23.85 36.40 1.35
CA LYS C 234 22.46 36.76 1.64
C LYS C 234 21.49 35.99 0.75
N ASP C 235 21.99 35.34 -0.30
CA ASP C 235 21.08 34.58 -1.22
C ASP C 235 20.78 33.15 -0.78
N VAL C 236 21.48 32.68 0.25
CA VAL C 236 21.34 31.26 0.72
C VAL C 236 19.85 30.83 0.97
N GLU C 237 19.12 31.64 1.77
CA GLU C 237 17.71 31.36 2.02
CA GLU C 237 17.75 31.31 2.02
C GLU C 237 16.92 31.12 0.74
N GLY C 238 17.04 32.03 -0.24
CA GLY C 238 16.26 31.95 -1.47
C GLY C 238 16.70 30.78 -2.37
N VAL C 239 17.99 30.52 -2.42
CA VAL C 239 18.48 29.30 -3.12
C VAL C 239 17.95 28.01 -2.48
N HIS C 240 17.87 28.01 -1.13
CA HIS C 240 17.44 26.89 -0.40
C HIS C 240 15.98 26.65 -0.77
N LYS C 241 15.21 27.72 -0.88
CA LYS C 241 13.75 27.58 -1.17
C LYS C 241 13.55 27.11 -2.59
N LEU C 242 14.26 27.77 -3.50
CA LEU C 242 14.14 27.45 -4.93
C LEU C 242 14.59 26.02 -5.27
N LEU C 243 15.77 25.66 -4.78
CA LEU C 243 16.31 24.34 -5.14
C LEU C 243 15.57 23.25 -4.45
N GLY C 244 15.25 23.47 -3.18
CA GLY C 244 14.68 22.41 -2.33
C GLY C 244 13.27 22.09 -2.90
N SER C 245 12.57 23.13 -3.34
CA SER C 245 11.23 22.88 -3.90
CA SER C 245 11.23 22.93 -3.95
C SER C 245 11.33 22.18 -5.27
N TYR C 246 12.28 22.59 -6.08
CA TYR C 246 12.53 21.98 -7.39
C TYR C 246 12.85 20.46 -7.29
N LEU C 247 13.68 20.13 -6.31
CA LEU C 247 14.18 18.72 -6.22
C LEU C 247 13.16 17.65 -5.81
N GLU C 248 12.09 18.12 -5.18
CA GLU C 248 11.10 17.17 -4.65
C GLU C 248 10.40 16.36 -5.72
N GLN C 249 10.42 16.86 -6.94
CA GLN C 249 9.83 16.14 -8.07
C GLN C 249 10.60 14.85 -8.42
N PHE C 250 11.90 14.75 -8.06
CA PHE C 250 12.67 13.61 -8.53
C PHE C 250 12.58 12.35 -7.64
N ASN C 251 13.00 11.24 -8.24
CA ASN C 251 13.00 9.98 -7.55
CA ASN C 251 12.99 9.94 -7.57
C ASN C 251 14.24 9.80 -6.67
N LEU C 252 15.24 10.66 -6.86
CA LEU C 252 16.50 10.49 -6.08
C LEU C 252 17.13 11.84 -5.93
N TYR C 253 17.22 12.35 -4.68
CA TYR C 253 17.88 13.69 -4.49
C TYR C 253 18.32 13.82 -3.09
N ALA C 254 19.31 14.69 -2.91
CA ALA C 254 19.71 15.14 -1.61
C ALA C 254 18.75 16.19 -1.06
N VAL C 255 18.45 16.02 0.22
CA VAL C 255 17.60 16.98 0.98
C VAL C 255 18.54 17.96 1.66
N PHE C 256 18.80 19.10 1.03
CA PHE C 256 19.87 20.01 1.50
C PHE C 256 19.33 20.78 2.70
N THR C 257 20.16 21.00 3.70
CA THR C 257 19.81 21.91 4.74
C THR C 257 20.33 23.29 4.34
N LYS C 258 19.96 24.34 5.08
CA LYS C 258 20.41 25.66 4.71
C LYS C 258 21.96 25.69 4.82
N GLU C 259 22.53 25.02 5.84
CA GLU C 259 24.01 25.03 6.04
C GLU C 259 24.66 24.36 4.84
N GLU C 260 23.93 23.38 4.32
CA GLU C 260 24.41 22.58 3.16
C GLU C 260 24.30 23.43 1.84
N ILE C 261 23.22 24.19 1.72
CA ILE C 261 23.14 25.18 0.61
C ILE C 261 24.39 26.11 0.67
N ALA C 262 24.64 26.72 1.85
CA ALA C 262 25.85 27.58 1.93
C ALA C 262 27.13 26.91 1.50
N HIS C 263 27.37 25.69 1.97
CA HIS C 263 28.59 24.98 1.58
C HIS C 263 28.66 24.58 0.12
N TRP C 264 27.60 24.00 -0.41
CA TRP C 264 27.70 23.47 -1.72
C TRP C 264 27.65 24.49 -2.84
N PHE C 265 27.13 25.69 -2.54
CA PHE C 265 26.88 26.66 -3.57
C PHE C 265 27.62 27.98 -3.50
N LEU C 266 27.95 28.43 -2.31
CA LEU C 266 28.61 29.78 -2.32
C LEU C 266 29.89 29.62 -3.18
N PRO C 267 30.14 30.58 -4.06
CA PRO C 267 31.16 30.41 -5.03
C PRO C 267 32.58 30.41 -4.42
N ILE C 268 33.43 29.57 -4.96
CA ILE C 268 34.84 29.48 -4.58
C ILE C 268 35.56 29.40 -5.94
N GLU C 269 36.39 30.40 -6.27
N GLU C 269 36.46 30.35 -6.21
CA GLU C 269 37.08 30.42 -7.57
CA GLU C 269 37.22 30.42 -7.50
C GLU C 269 37.80 29.13 -7.91
C GLU C 269 37.79 29.07 -7.89
N ASN C 270 37.60 28.66 -9.15
CA ASN C 270 38.20 27.40 -9.64
C ASN C 270 37.72 26.13 -8.91
N VAL C 271 36.56 26.22 -8.26
CA VAL C 271 36.00 25.02 -7.62
C VAL C 271 34.48 24.95 -7.93
N ILE C 272 33.73 25.95 -7.46
CA ILE C 272 32.28 25.95 -7.56
C ILE C 272 31.80 27.40 -7.98
N TYR C 273 30.89 27.42 -8.95
CA TYR C 273 30.33 28.65 -9.52
C TYR C 273 28.84 28.53 -9.38
N THR C 274 28.24 29.53 -8.75
CA THR C 274 26.76 29.56 -8.65
C THR C 274 26.32 30.99 -9.00
N TYR C 275 25.28 31.12 -9.85
CA TYR C 275 24.78 32.42 -10.24
C TYR C 275 23.27 32.42 -9.99
N VAL C 276 22.75 33.60 -9.60
CA VAL C 276 21.34 33.65 -9.23
C VAL C 276 20.75 34.88 -9.96
N ASN C 277 19.45 34.79 -10.30
CA ASN C 277 18.63 35.91 -10.76
C ASN C 277 17.67 36.27 -9.60
N GLU C 278 17.91 37.44 -8.98
CA GLU C 278 17.05 37.97 -7.93
C GLU C 278 16.08 39.02 -8.55
N GLU C 279 14.79 38.72 -8.46
CA GLU C 279 13.75 39.56 -9.00
CA GLU C 279 13.73 39.55 -9.00
C GLU C 279 12.79 39.89 -7.86
N ASN C 280 12.54 41.18 -7.66
CA ASN C 280 11.64 41.63 -6.63
C ASN C 280 11.88 40.95 -5.31
N GLY C 281 13.15 40.93 -4.82
CA GLY C 281 13.47 40.37 -3.51
C GLY C 281 13.62 38.86 -3.40
N LYS C 282 13.38 38.11 -4.48
CA LYS C 282 13.34 36.63 -4.38
C LYS C 282 14.27 36.01 -5.42
N ILE C 283 14.86 34.84 -5.12
CA ILE C 283 15.75 34.19 -6.09
C ILE C 283 14.83 33.33 -6.96
N LYS C 284 14.74 33.66 -8.26
CA LYS C 284 13.83 32.97 -9.17
C LYS C 284 14.50 32.00 -10.14
N ASP C 285 15.82 32.15 -10.30
CA ASP C 285 16.60 31.27 -11.23
C ASP C 285 18.04 31.06 -10.66
N MET C 286 18.65 29.89 -10.99
CA MET C 286 20.05 29.64 -10.53
C MET C 286 20.72 28.71 -11.54
N ILE C 287 22.04 28.87 -11.64
CA ILE C 287 22.91 28.09 -12.50
C ILE C 287 24.08 27.73 -11.57
N SER C 288 24.53 26.47 -11.58
CA SER C 288 25.77 26.19 -10.87
C SER C 288 26.49 25.14 -11.69
N PHE C 289 27.81 25.21 -11.63
CA PHE C 289 28.66 24.25 -12.30
C PHE C 289 29.96 24.22 -11.48
N TYR C 290 30.68 23.08 -11.53
CA TYR C 290 31.91 22.94 -10.76
C TYR C 290 33.11 22.69 -11.68
N SER C 291 34.34 23.03 -11.25
CA SER C 291 35.52 22.99 -12.10
C SER C 291 36.23 21.66 -11.87
N LEU C 292 36.44 20.85 -12.88
CA LEU C 292 37.16 19.58 -12.73
C LEU C 292 38.08 19.40 -13.97
N PRO C 293 39.36 19.79 -13.86
CA PRO C 293 40.25 19.71 -15.00
C PRO C 293 40.62 18.27 -15.20
N SER C 294 41.02 17.94 -16.43
CA SER C 294 41.66 16.66 -16.69
C SER C 294 43.05 16.96 -17.19
N GLN C 295 43.98 16.15 -16.74
CA GLN C 295 45.31 16.16 -17.27
C GLN C 295 45.28 15.53 -18.68
N ILE C 296 45.97 16.15 -19.64
CA ILE C 296 45.95 15.62 -21.02
C ILE C 296 47.13 14.65 -21.13
N LEU C 297 46.88 13.36 -21.35
CA LEU C 297 48.07 12.46 -21.18
C LEU C 297 48.87 12.32 -22.48
N GLY C 298 50.18 12.38 -22.36
CA GLY C 298 51.04 12.16 -23.54
C GLY C 298 50.83 13.14 -24.70
N ASN C 299 50.31 14.32 -24.37
CA ASN C 299 50.19 15.43 -25.28
C ASN C 299 51.14 16.51 -24.80
N ASP C 300 52.10 16.87 -25.65
CA ASP C 300 53.16 17.80 -25.27
C ASP C 300 52.90 19.26 -25.70
N LYS C 301 51.74 19.50 -26.30
CA LYS C 301 51.34 20.83 -26.77
C LYS C 301 50.37 21.48 -25.74
N TYR C 302 49.41 20.67 -25.27
CA TYR C 302 48.56 21.05 -24.12
C TYR C 302 48.69 20.03 -22.96
N SER C 303 48.71 20.54 -21.74
CA SER C 303 48.75 19.70 -20.55
C SER C 303 47.43 19.61 -19.68
N THR C 304 46.54 20.63 -19.68
CA THR C 304 45.24 20.58 -18.92
C THR C 304 43.99 20.82 -19.80
N LEU C 305 42.96 20.00 -19.67
CA LEU C 305 41.65 20.37 -20.20
C LEU C 305 40.87 21.05 -19.04
N ASN C 306 40.51 22.30 -19.16
CA ASN C 306 39.78 22.94 -18.08
CA ASN C 306 39.80 23.02 -18.07
C ASN C 306 38.31 22.82 -18.39
N ALA C 307 37.58 22.07 -17.55
CA ALA C 307 36.17 21.65 -17.87
C ALA C 307 35.24 22.06 -16.73
N ALA C 308 34.00 22.46 -17.05
CA ALA C 308 33.02 22.85 -16.11
C ALA C 308 31.99 21.77 -16.24
N TYR C 309 31.45 21.34 -15.08
CA TYR C 309 30.44 20.30 -15.03
C TYR C 309 29.18 20.90 -14.45
N SER C 310 28.07 20.69 -15.14
CA SER C 310 26.76 21.13 -14.74
C SER C 310 26.43 20.53 -13.38
N PHE C 311 25.92 21.36 -12.47
CA PHE C 311 25.63 20.90 -11.09
C PHE C 311 24.11 20.96 -10.92
N TYR C 312 23.55 22.09 -10.44
CA TYR C 312 22.09 22.26 -10.27
C TYR C 312 21.66 23.59 -10.92
N ASN C 313 20.60 23.50 -11.73
CA ASN C 313 20.14 24.63 -12.58
C ASN C 313 18.64 24.61 -12.51
N VAL C 314 18.02 25.75 -12.14
CA VAL C 314 16.56 25.89 -12.00
C VAL C 314 16.12 27.23 -12.59
N THR C 315 15.02 27.20 -13.35
CA THR C 315 14.50 28.47 -13.89
C THR C 315 13.02 28.47 -13.68
N THR C 316 12.55 29.62 -13.19
CA THR C 316 11.10 29.95 -13.09
C THR C 316 10.71 31.20 -13.92
N THR C 317 11.68 31.89 -14.54
CA THR C 317 11.41 33.11 -15.35
C THR C 317 11.79 32.99 -16.84
N ALA C 318 12.44 31.87 -17.21
CA ALA C 318 12.96 31.58 -18.58
C ALA C 318 12.67 30.15 -19.00
N THR C 319 12.97 29.79 -20.23
CA THR C 319 12.96 28.37 -20.56
C THR C 319 14.24 27.68 -20.08
N PHE C 320 14.15 26.37 -19.90
CA PHE C 320 15.33 25.64 -19.53
C PHE C 320 16.45 25.73 -20.57
N LYS C 321 16.05 25.70 -21.84
CA LYS C 321 17.03 25.99 -22.91
C LYS C 321 17.81 27.30 -22.70
N GLN C 322 17.03 28.36 -22.44
CA GLN C 322 17.61 29.66 -22.17
C GLN C 322 18.58 29.68 -20.99
N LEU C 323 18.15 29.01 -19.90
CA LEU C 323 18.93 28.93 -18.68
C LEU C 323 20.24 28.23 -19.01
N MET C 324 20.15 27.08 -19.68
CA MET C 324 21.39 26.32 -19.93
C MET C 324 22.28 27.03 -20.94
N GLN C 325 21.69 27.88 -21.79
CA GLN C 325 22.48 28.58 -22.77
C GLN C 325 23.34 29.64 -22.04
N ASP C 326 22.74 30.20 -21.00
CA ASP C 326 23.41 31.13 -20.12
C ASP C 326 24.50 30.44 -19.29
N ALA C 327 24.27 29.22 -18.84
CA ALA C 327 25.28 28.39 -18.14
C ALA C 327 26.56 28.18 -19.01
N ILE C 328 26.30 27.81 -20.28
CA ILE C 328 27.40 27.71 -21.30
C ILE C 328 28.19 29.01 -21.41
N LEU C 329 27.48 30.16 -21.52
CA LEU C 329 28.14 31.43 -21.69
C LEU C 329 28.93 31.77 -20.41
N LEU C 330 28.33 31.52 -19.25
CA LEU C 330 28.97 31.80 -17.96
C LEU C 330 30.30 30.96 -17.80
N ALA C 331 30.24 29.71 -18.21
CA ALA C 331 31.46 28.83 -18.34
C ALA C 331 32.47 29.36 -19.38
N LYS C 332 31.97 29.79 -20.56
CA LYS C 332 32.84 30.43 -21.55
C LYS C 332 33.53 31.64 -20.88
N ARG C 333 32.77 32.47 -20.19
CA ARG C 333 33.34 33.64 -19.57
C ARG C 333 34.42 33.35 -18.54
N ASN C 334 34.30 32.19 -17.92
CA ASN C 334 35.21 31.77 -16.86
C ASN C 334 36.38 30.88 -17.29
N ASN C 335 36.61 30.87 -18.60
CA ASN C 335 37.77 30.29 -19.31
CA ASN C 335 37.86 30.32 -19.17
C ASN C 335 37.78 28.79 -19.38
N PHE C 336 36.59 28.22 -19.30
CA PHE C 336 36.47 26.79 -19.50
C PHE C 336 36.53 26.39 -20.97
N ASP C 337 37.13 25.21 -21.25
CA ASP C 337 37.30 24.71 -22.62
C ASP C 337 36.05 23.93 -23.07
N VAL C 338 35.29 23.38 -22.11
CA VAL C 338 34.18 22.40 -22.44
C VAL C 338 33.18 22.47 -21.27
N PHE C 339 31.92 22.11 -21.52
CA PHE C 339 30.86 22.17 -20.50
C PHE C 339 30.12 20.85 -20.58
N ASN C 340 30.22 20.07 -19.51
CA ASN C 340 29.85 18.67 -19.46
C ASN C 340 28.61 18.51 -18.65
N ALA C 341 27.68 17.66 -19.11
CA ALA C 341 26.49 17.46 -18.31
C ALA C 341 26.01 16.01 -18.42
N LEU C 342 25.13 15.59 -17.53
CA LEU C 342 24.56 14.24 -17.53
C LEU C 342 23.13 14.34 -17.97
N GLU C 343 22.52 13.27 -18.49
CA GLU C 343 21.09 13.25 -18.82
C GLU C 343 20.14 13.10 -17.66
N VAL C 344 20.45 13.80 -16.58
CA VAL C 344 19.56 13.87 -15.42
C VAL C 344 18.76 15.14 -15.34
N MET C 345 17.82 15.19 -14.40
CA MET C 345 16.88 16.33 -14.28
C MET C 345 16.29 16.70 -15.66
N GLN C 346 16.30 17.99 -16.05
CA GLN C 346 15.75 18.42 -17.35
C GLN C 346 16.75 18.48 -18.47
N ASN C 347 18.00 18.08 -18.21
CA ASN C 347 19.09 18.29 -19.13
C ASN C 347 18.93 17.65 -20.51
N LYS C 348 18.52 16.39 -20.56
CA LYS C 348 18.32 15.77 -21.92
C LYS C 348 17.56 16.69 -22.93
N SER C 349 16.46 17.27 -22.50
CA SER C 349 15.61 18.17 -23.37
C SER C 349 16.39 19.29 -24.06
N VAL C 350 17.58 19.70 -23.57
CA VAL C 350 18.32 20.84 -24.19
C VAL C 350 19.54 20.49 -25.08
N PHE C 351 20.03 19.24 -24.98
CA PHE C 351 21.28 18.83 -25.57
C PHE C 351 21.35 19.00 -27.09
N GLU C 352 20.27 18.60 -27.79
CA GLU C 352 20.20 18.71 -29.24
CA GLU C 352 20.25 18.71 -29.23
C GLU C 352 20.33 20.20 -29.65
N ASP C 353 19.46 21.07 -29.14
CA ASP C 353 19.47 22.53 -29.55
C ASP C 353 20.74 23.29 -29.16
N LEU C 354 21.31 22.94 -27.99
CA LEU C 354 22.49 23.60 -27.49
C LEU C 354 23.79 22.94 -27.96
N LYS C 355 23.62 21.97 -28.87
CA LYS C 355 24.76 21.39 -29.63
C LYS C 355 25.74 20.61 -28.74
N PHE C 356 25.23 19.89 -27.78
CA PHE C 356 26.03 18.97 -26.98
C PHE C 356 26.22 17.68 -27.81
N GLY C 357 27.42 17.10 -27.79
CA GLY C 357 27.70 15.76 -28.37
C GLY C 357 27.66 14.71 -27.27
N GLU C 358 26.98 13.60 -27.54
CA GLU C 358 26.94 12.44 -26.66
C GLU C 358 28.34 11.94 -26.44
N GLY C 359 28.70 11.62 -25.21
CA GLY C 359 30.05 11.10 -24.99
C GLY C 359 30.14 9.60 -25.14
N ASP C 360 31.25 9.01 -24.70
CA ASP C 360 31.58 7.59 -24.91
C ASP C 360 30.90 6.51 -24.10
N GLY C 361 30.56 6.78 -22.86
CA GLY C 361 29.79 5.80 -22.11
C GLY C 361 28.78 6.47 -21.22
N SER C 362 28.58 5.90 -20.05
CA SER C 362 27.64 6.45 -19.13
C SER C 362 28.12 6.35 -17.66
N LEU C 363 27.38 7.02 -16.77
CA LEU C 363 27.64 7.02 -15.32
C LEU C 363 26.49 6.31 -14.65
N LYS C 364 26.81 5.28 -13.88
CA LYS C 364 25.83 4.51 -13.17
C LYS C 364 25.66 5.05 -11.75
N TYR C 365 24.39 5.16 -11.36
CA TYR C 365 24.07 5.47 -9.93
C TYR C 365 23.80 4.18 -9.13
N TYR C 366 24.44 4.13 -7.95
CA TYR C 366 24.24 3.02 -7.04
C TYR C 366 23.80 3.44 -5.66
N LEU C 367 23.05 2.56 -5.05
CA LEU C 367 22.83 2.58 -3.61
C LEU C 367 23.34 1.30 -2.94
N TYR C 368 23.73 1.45 -1.72
CA TYR C 368 24.22 0.36 -0.88
C TYR C 368 23.17 0.04 0.16
N ASN C 369 22.87 -1.27 0.32
CA ASN C 369 21.89 -1.72 1.28
C ASN C 369 20.49 -1.05 1.09
N TRP C 370 20.11 -0.96 -0.19
CA TRP C 370 18.75 -0.44 -0.56
C TRP C 370 18.19 -1.12 -1.74
N LYS C 371 16.92 -1.51 -1.61
CA LYS C 371 16.24 -2.27 -2.63
C LYS C 371 15.08 -1.42 -3.13
N CYS C 372 15.03 -1.12 -4.42
CA CYS C 372 13.93 -0.32 -5.04
C CYS C 372 13.98 -0.51 -6.54
N ALA C 373 12.94 -0.10 -7.23
CA ALA C 373 12.87 -0.13 -8.69
C ALA C 373 13.87 0.87 -9.23
N SER C 374 14.57 0.41 -10.27
CA SER C 374 15.42 1.26 -11.02
C SER C 374 14.55 2.20 -11.85
N PHE C 375 15.18 3.22 -12.42
CA PHE C 375 14.44 4.30 -13.13
C PHE C 375 15.25 5.06 -14.18
N ALA C 376 14.51 5.67 -15.14
CA ALA C 376 15.14 6.47 -16.16
C ALA C 376 15.84 7.70 -15.54
N PRO C 377 16.90 8.19 -16.15
CA PRO C 377 17.74 9.24 -15.45
C PRO C 377 17.13 10.70 -15.43
N ALA C 378 16.08 10.93 -16.24
CA ALA C 378 15.21 12.14 -16.04
C ALA C 378 14.67 12.16 -14.65
N HIS C 379 14.64 10.98 -13.99
CA HIS C 379 14.18 10.91 -12.62
C HIS C 379 15.23 11.08 -11.54
N VAL C 380 16.45 11.21 -11.94
CA VAL C 380 17.58 11.46 -10.99
C VAL C 380 17.68 12.99 -10.72
N GLY C 381 17.80 13.35 -9.44
CA GLY C 381 17.73 14.72 -8.98
C GLY C 381 19.03 14.98 -8.19
N ILE C 382 20.06 14.19 -8.48
CA ILE C 382 21.38 14.48 -7.75
C ILE C 382 22.54 14.37 -8.70
N VAL C 383 23.63 15.12 -8.41
CA VAL C 383 24.76 15.10 -9.21
C VAL C 383 25.92 15.00 -8.23
N LEU C 384 26.66 13.88 -8.31
CA LEU C 384 27.80 13.70 -7.43
C LEU C 384 29.05 14.31 -8.03
N LEU C 385 30.05 14.54 -7.20
CA LEU C 385 31.27 15.24 -7.68
C LEU C 385 32.21 14.36 -8.60
O2 C23 D . -24.82 -19.17 -8.47
C14 C23 D . -23.83 -19.88 -8.46
C15 C23 D . -23.91 -21.33 -7.97
C16 C23 D . -25.33 -21.96 -8.26
C17 C23 D . -25.44 -22.38 -9.75
C22 C23 D . -24.96 -23.63 -10.17
C21 C23 D . -25.02 -24.01 -11.53
C20 C23 D . -25.57 -23.12 -12.46
C19 C23 D . -26.00 -21.84 -12.06
C18 C23 D . -25.95 -21.47 -10.72
C2 C23 D . -22.52 -19.19 -8.74
O C23 D . -22.48 -17.93 -8.94
C3 C23 D . -21.16 -17.59 -9.05
C13 C23 D . -20.31 -18.69 -8.89
C1 C23 D . -21.24 -19.73 -8.68
C C23 D . -20.77 -21.17 -8.45
C7 C23 D . -18.91 -18.52 -9.01
C6 C23 D . -18.42 -17.24 -9.26
C5 C23 D . -19.27 -16.13 -9.40
C4 C23 D . -20.65 -16.30 -9.31
O1 C23 D . -18.03 -19.60 -8.93
C8 C23 D . -17.12 -19.85 -10.03
C12 C23 D . -15.83 -20.56 -9.56
C11 C23 D . -16.07 -22.03 -9.30
N C23 D . -16.82 -22.68 -10.36
C10 C23 D . -18.00 -22.03 -10.89
C9 C23 D . -17.78 -20.56 -11.22
S1 NHW E . -16.64 -28.27 -7.02
C2 NHW E . -17.65 -29.21 -8.22
C3 NHW E . -17.74 -30.64 -7.97
N4 NHW E . -18.56 -31.25 -8.97
C5 NHW E . -19.84 -31.29 -8.85
O5 NHW E . -20.44 -30.84 -7.94
C6 NHW E . -20.55 -32.00 -9.99
C7 NHW E . -21.91 -32.52 -9.58
N8 NHW E . -21.72 -33.54 -8.56
C9 NHW E . -21.06 -34.63 -8.83
O9 NHW E . -20.59 -34.85 -9.87
CP NHW E . -15.27 -27.84 -8.10
C10 NHW E . -20.94 -35.62 -7.66
O10 NHW E . -21.80 -35.20 -6.65
C11 NHW E . -19.53 -35.59 -7.02
C12 NHW E . -19.47 -36.47 -5.78
C13 NHW E . -19.29 -34.21 -6.57
C14 NHW E . -18.47 -36.09 -7.99
N1A NHW E . -15.21 -31.80 -3.44
O1A NHW E . -18.85 -40.57 -4.59
P1A NHW E . -19.47 -40.13 -3.51
C1M NHW E . -14.33 -29.01 -8.09
O1M NHW E . -14.37 -29.79 -8.99
C1X NHW E . -17.18 -35.86 -0.99
C2A NHW E . -14.65 -32.65 -2.64
O2A NHW E . -20.32 -40.91 -2.86
P2A NHW E . -20.95 -38.42 -5.16
C2M NHW E . -13.41 -29.18 -6.92
C2X NHW E . -18.21 -35.99 0.13
O2X NHW E . -18.11 -35.01 1.04
N3A NHW E . -15.25 -33.63 -2.06
O3A NHW E . -20.22 -38.83 -3.85
C3M NHW E . -13.14 -30.68 -6.62
C3X NHW E . -17.91 -37.38 0.64
O3X NHW E . -16.85 -37.37 1.56
P3X NHW E . -17.13 -37.60 3.11
C4A NHW E . -16.54 -33.85 -2.32
O4A NHW E . -21.44 -39.48 -5.92
C4M NHW E . -12.07 -30.85 -5.61
C4X NHW E . -17.49 -38.08 -0.69
O4X NHW E . -17.20 -37.06 -1.60
C5A NHW E . -17.18 -32.97 -3.17
O5A NHW E . -21.80 -37.42 -4.78
C5M NHW E . -11.91 -32.27 -5.12
C5X NHW E . -18.72 -38.79 -1.41
O5X NHW E . -18.41 -39.58 -2.47
C6A NHW E . -16.49 -31.92 -3.75
N6A NHW E . -17.10 -31.05 -4.56
O6A NHW E . -19.91 -37.76 -5.93
C6M NHW E . -10.93 -32.33 -3.97
N7A NHW E . -18.42 -33.38 -3.20
O7A NHW E . -15.90 -37.39 3.87
C7M NHW E . -9.49 -32.13 -4.37
C8A NHW E . -18.54 -34.45 -2.45
O8A NHW E . -17.97 -36.44 3.43
C8M NHW E . -8.51 -32.24 -3.25
N9A NHW E . -17.40 -34.71 -1.90
O9A NHW E . -17.67 -38.75 3.33
C9M NHW E . -7.05 -32.07 -3.65
CAM NHW E . -6.48 -33.36 -4.26
CBM NHW E . -5.00 -33.37 -4.64
CCM NHW E . -3.96 -33.08 -3.55
CDM NHW E . -2.57 -32.89 -4.09
CEM NHW E . -1.50 -32.61 -3.02
S DMS F . -5.47 -20.27 -12.72
O DMS F . -5.45 -20.26 -11.21
C1 DMS F . -4.89 -18.71 -13.10
C2 DMS F . -7.11 -20.26 -13.33
S DMS G . -25.50 -18.02 -13.08
O DMS G . -24.88 -17.42 -14.31
C1 DMS G . -26.69 -16.87 -12.56
C2 DMS G . -24.51 -18.20 -11.65
S DMS H . -21.01 -15.05 -25.75
O DMS H . -20.04 -14.36 -26.68
C1 DMS H . -20.44 -16.60 -25.16
C2 DMS H . -22.42 -15.42 -26.66
CL CL I . -7.02 -45.98 0.56
MG MG J . -20.23 -42.20 -6.47
O2 C23 K . -26.78 1.71 18.00
C14 C23 K . -26.15 2.73 17.70
C15 C23 K . -26.86 4.00 17.20
C16 C23 K . -28.34 4.13 17.67
C17 C23 K . -28.37 4.61 19.11
C22 C23 K . -28.24 5.97 19.44
C21 C23 K . -28.26 6.38 20.79
C20 C23 K . -28.40 5.44 21.85
C19 C23 K . -28.51 4.09 21.51
C18 C23 K . -28.52 3.69 20.17
C2 C23 K . -24.64 2.71 17.79
O C23 K . -24.07 1.57 18.02
C3 C23 K . -22.74 1.74 17.97
C13 C23 K . -22.39 3.11 17.72
C1 C23 K . -23.67 3.75 17.58
C C23 K . -23.74 5.26 17.31
C7 C23 K . -21.03 3.47 17.70
C6 C23 K . -20.05 2.47 17.90
C5 C23 K . -20.41 1.11 18.12
C4 C23 K . -21.76 0.74 18.15
O1 C23 K . -20.66 4.78 17.52
C8 C23 K . -19.57 5.34 18.35
C12 C23 K . -18.87 6.56 17.71
C11 C23 K . -19.66 7.85 17.74
N C23 K . -20.36 8.06 18.99
C10 C23 K . -20.76 6.95 19.90
C9 C23 K . -19.92 5.67 19.82
S1 NHW L . -22.41 13.06 15.70
C2 NHW L . -23.60 13.58 16.99
C3 NHW L . -24.12 14.98 16.81
N4 NHW L . -24.98 15.30 17.87
C5 NHW L . -26.21 14.88 17.91
O5 NHW L . -26.70 14.14 17.12
C6 NHW L . -27.00 15.37 19.18
C7 NHW L . -28.46 15.38 18.81
N8 NHW L . -28.70 16.37 17.81
C9 NHW L . -28.43 17.63 18.02
O9 NHW L . -27.98 18.08 19.03
CP NHW L . -20.73 13.36 16.49
C10 NHW L . -28.81 18.52 16.78
O10 NHW L . -29.63 17.86 15.82
C11 NHW L . -27.59 18.94 16.06
C12 NHW L . -27.98 19.75 14.82
C13 NHW L . -26.85 17.71 15.57
C14 NHW L . -26.72 19.80 16.98
N1A NHW L . -22.69 16.94 11.99
O1A NHW L . -30.57 23.69 12.10
P1A NHW L . -29.46 23.16 12.67
C1M NHW L . -20.35 14.81 16.54
O1M NHW L . -20.53 15.48 17.50
C1X NHW L . -26.18 19.88 9.78
C2A NHW L . -22.54 17.88 11.15
O2A NHW L . -28.86 23.88 13.71
P2A NHW L . -30.05 21.06 14.37
C2M NHW L . -19.57 15.32 15.35
C2X NHW L . -27.29 19.64 8.77
O2X NHW L . -26.83 18.81 7.77
N3A NHW L . -23.53 18.55 10.69
O3A NHW L . -29.76 21.68 13.06
C3M NHW L . -19.96 16.71 14.93
C3X NHW L . -27.55 21.10 8.31
O3X NHW L . -26.65 21.48 7.34
P3X NHW L . -27.22 21.57 5.78
C4A NHW L . -24.76 18.29 11.06
O4A NHW L . -30.73 21.94 15.17
C4M NHW L . -19.33 17.07 13.62
C4X NHW L . -27.28 21.91 9.62
O4X NHW L . -26.46 21.08 10.39
C5A NHW L . -24.96 17.26 11.94
O5A NHW L . -30.63 19.84 14.17
C5M NHW L . -19.64 18.49 13.24
C5X NHW L . -28.62 22.30 10.42
O5X NHW L . -28.44 22.96 11.60
C6A NHW L . -23.87 16.59 12.43
N6A NHW L . -24.01 15.64 13.30
O6A NHW L . -28.79 20.90 15.05
C6M NHW L . -18.82 19.01 12.08
N7A NHW L . -26.24 17.20 12.18
O7A NHW L . -27.68 20.23 5.56
C7M NHW L . -17.33 19.26 12.32
C8A NHW L . -26.82 18.10 11.43
O8A NHW L . -28.23 22.53 5.70
C8M NHW L . -16.66 19.77 11.03
N9A NHW L . -25.93 18.77 10.73
O9A NHW L . -26.09 21.91 4.87
C9M NHW L . -15.18 20.18 11.18
CAM NHW L . -14.97 21.48 11.84
CBM NHW L . -13.50 21.79 12.18
CCM NHW L . -12.62 21.91 10.94
CDM NHW L . -11.22 22.41 11.30
CEM NHW L . -10.34 22.43 10.13
S DMS M . -8.50 9.47 19.34
O DMS M . -8.36 10.75 19.93
C1 DMS M . -10.08 9.00 19.95
C2 DMS M . -7.68 8.30 20.32
S DMS N . -26.43 0.34 22.74
O DMS N . -25.29 0.62 23.68
C1 DMS N . -26.08 1.14 21.24
C2 DMS N . -27.94 1.02 23.19
S DMS O . -20.18 -0.50 34.55
O DMS O . -20.25 -0.42 36.04
C1 DMS O . -20.05 1.09 33.84
C2 DMS O . -21.71 -1.03 34.03
S SO4 P . -23.33 -8.19 4.48
O1 SO4 P . -24.07 -9.02 3.54
O2 SO4 P . -23.64 -8.62 5.87
O3 SO4 P . -23.82 -6.89 3.95
O4 SO4 P . -21.84 -8.16 4.47
CL CL Q . -20.29 32.94 7.43
MG MG R . -30.57 24.99 15.72
O2 C23 S . 33.57 11.54 -20.15
C14 C23 S . 33.50 11.06 -19.04
C15 C23 S . 34.27 9.80 -18.67
C16 C23 S . 35.57 9.71 -19.48
C17 C23 S . 36.72 10.51 -18.86
C22 C23 S . 37.46 9.99 -17.81
C21 C23 S . 38.52 10.76 -17.27
C20 C23 S . 38.81 12.03 -17.77
C19 C23 S . 38.03 12.55 -18.80
C18 C23 S . 37.01 11.79 -19.36
C2 C23 S . 32.58 11.75 -18.07
O C23 S . 31.86 12.71 -18.52
C3 C23 S . 31.09 13.18 -17.54
C13 C23 S . 31.32 12.49 -16.33
C1 C23 S . 32.30 11.55 -16.70
C C23 S . 32.83 10.57 -15.67
C7 C23 S . 30.60 12.87 -15.17
C6 C23 S . 29.67 13.93 -15.33
C5 C23 S . 29.46 14.60 -16.53
C4 C23 S . 30.18 14.23 -17.67
O1 C23 S . 30.78 12.25 -13.95
C8 C23 S . 30.75 13.00 -12.70
C12 C23 S . 30.56 12.14 -11.43
C11 C23 S . 31.78 11.32 -11.10
N C23 S . 33.06 11.83 -11.62
C10 C23 S . 33.23 13.04 -12.41
C9 C23 S . 31.98 13.88 -12.55
S1 NHW T . 34.03 5.79 -9.41
C2 NHW T . 35.84 6.06 -9.27
C3 NHW T . 36.69 4.88 -8.82
N4 NHW T . 38.07 5.11 -9.02
C5 NHW T . 38.70 4.90 -10.17
O5 NHW T . 38.24 4.49 -11.17
C6 NHW T . 40.18 5.26 -10.09
C7 NHW T . 40.97 4.34 -10.95
N8 NHW T . 40.84 2.97 -10.51
C9 NHW T . 41.31 2.58 -9.38
O9 NHW T . 41.96 3.26 -8.67
CP NHW T . 33.57 6.87 -7.99
C10 NHW T . 41.14 1.04 -9.12
O10 NHW T . 40.88 0.33 -10.30
C11 NHW T . 39.98 0.79 -8.17
C12 NHW T . 39.76 -0.76 -8.09
C13 NHW T . 38.77 1.43 -8.72
C14 NHW T . 40.30 1.33 -6.81
N1A NHW T . 33.37 0.84 -7.37
O1A NHW T . 41.22 -4.17 -5.92
P1A NHW T . 40.66 -4.78 -6.95
C1M NHW T . 34.00 6.30 -6.62
O1M NHW T . 35.04 6.59 -6.05
C1X NHW T . 35.43 -3.84 -7.52
C2A NHW T . 33.13 -0.18 -6.65
O2A NHW T . 41.25 -5.92 -7.30
P2A NHW T . 41.41 -2.64 -8.57
C2M NHW T . 32.97 5.38 -6.04
C2X NHW T . 35.29 -4.88 -8.61
O2X NHW T . 34.01 -5.07 -9.05
N3A NHW T . 33.72 -1.30 -6.83
O3A NHW T . 40.60 -3.74 -8.19
C3M NHW T . 33.51 4.20 -5.31
C3X NHW T . 35.85 -6.08 -7.86
O3X NHW T . 34.91 -6.61 -7.10
P3X NHW T . 34.13 -7.97 -7.66
C4A NHW T . 34.67 -1.45 -7.72
O4A NHW T . 42.75 -2.71 -8.34
C4M NHW T . 32.42 3.43 -4.60
C4X NHW T . 36.94 -5.46 -6.95
O4X NHW T . 36.63 -4.10 -6.92
C5A NHW T . 35.00 -0.37 -8.48
O5A NHW T . 41.04 -2.36 -9.86
C5M NHW T . 32.95 2.16 -3.96
C5X NHW T . 38.37 -5.56 -7.47
O5X NHW T . 39.27 -5.12 -6.58
C6A NHW T . 34.31 0.81 -8.26
N6A NHW T . 34.59 1.87 -8.92
O6A NHW T . 40.82 -1.57 -7.76
C6M NHW T . 31.86 1.39 -3.24
N7A NHW T . 35.95 -0.74 -9.28
O7A NHW T . 35.03 -9.02 -7.83
C7M NHW T . 31.21 2.04 -2.09
C8A NHW T . 36.19 -2.00 -9.04
O8A NHW T . 33.09 -8.22 -6.93
C8M NHW T . 30.06 1.23 -1.49
N9A NHW T . 35.41 -2.45 -8.10
O9A NHW T . 33.67 -7.56 -8.72
C9M NHW T . 29.47 1.81 -0.19
CAM NHW T . 30.36 1.65 1.03
CBM NHW T . 29.79 2.25 2.31
CCM NHW T . 28.47 1.69 2.75
CDM NHW T . 27.97 2.32 4.02
CEM NHW T . 26.66 1.75 4.53
S DMS U . 26.48 16.56 -2.35
O DMS U . 25.44 15.55 -2.78
C1 DMS U . 25.76 18.10 -2.45
C2 DMS U . 27.64 16.72 -3.60
S DMS V . 36.01 15.88 -19.59
O DMS V . 35.99 17.37 -19.51
C1 DMS V . 36.94 15.30 -20.93
C2 DMS V . 34.50 15.03 -19.80
CL CL W . 35.61 -9.84 5.48
MG MG X . 44.22 -4.02 -5.92
#